data_4WJY
#
_entry.id   4WJY
#
_cell.length_a   42.240
_cell.length_b   89.490
_cell.length_c   274.720
_cell.angle_alpha   90.00
_cell.angle_beta   90.00
_cell.angle_gamma   90.00
#
_symmetry.space_group_name_H-M   'P 21 21 21'
#
loop_
_entity.id
_entity.type
_entity.pdbx_description
1 polymer 'Cytochrome c-552'
2 non-polymer 'HEME C'
3 non-polymer 'CALCIUM ION'
4 non-polymer 1,2-ETHANEDIOL
5 water water
#
_entity_poly.entity_id   1
_entity_poly.type   'polypeptide(L)'
_entity_poly.pdbx_seq_one_letter_code
;EQTAAPAKPVTVEAKNETFAPQHPDQYLSWKATSEQSERVDALAEDPRLVILWAGYPFSRDYNKPRGHAFAVTDVRETLR
TGAPKNAEDGPLPMACWSCKSPDVARLIQKDGEDGYFHGKWARGGPEIVNNLGCADCHNTASPEFAKGKPELTLSRPYAA
RAMEAIGKPFEKAGRFDQQSMVCGQCHVEYYFDGKNKAVKFPWDDGMKVENMEQYYDKIAFSDWTNSLSKTPMLKAQNPE
YETWTAGIHGKNNVTCIDCHMPKVQNAEGKLYTDHKIGNPFDNFAQTCANCHTQDKAALQKVVAERKQSINDLKIKVEDQ
LVHAHFEAKAALDAGATEAEMKPIQDDIRHAQWRWDLAIASHGIHMHAPEEGLRMLGTAMDKAADARTKLARLLATKGIT
HEIQIPDISTKEKAQQAIGLNMEQIKAEKQDFIKTVIPQWEEQARKNGLLSQ
;
_entity_poly.pdbx_strand_id   A,B
#
loop_
_chem_comp.id
_chem_comp.type
_chem_comp.name
_chem_comp.formula
CA non-polymer 'CALCIUM ION' 'Ca 2'
EDO non-polymer 1,2-ETHANEDIOL 'C2 H6 O2'
HEC non-polymer 'HEME C' 'C34 H34 Fe N4 O4'
#
# COMPACT_ATOMS: atom_id res chain seq x y z
N THR A 11 -21.14 -35.49 -23.85
CA THR A 11 -22.37 -35.19 -23.02
C THR A 11 -22.45 -33.83 -22.22
N VAL A 12 -21.41 -32.96 -22.27
CA VAL A 12 -21.54 -31.55 -21.82
C VAL A 12 -22.57 -30.86 -22.68
N GLU A 13 -23.49 -30.11 -22.09
CA GLU A 13 -24.46 -29.39 -22.91
C GLU A 13 -24.18 -27.85 -22.95
N ALA A 14 -23.71 -27.34 -24.09
CA ALA A 14 -23.29 -25.95 -24.17
C ALA A 14 -24.38 -25.01 -24.61
N LYS A 15 -25.51 -25.59 -25.08
CA LYS A 15 -26.69 -24.79 -25.42
C LYS A 15 -27.51 -24.38 -24.17
N ASN A 16 -27.17 -23.21 -23.64
CA ASN A 16 -27.69 -22.75 -22.32
C ASN A 16 -29.22 -22.72 -22.24
N GLU A 17 -29.88 -22.38 -23.35
CA GLU A 17 -31.35 -22.28 -23.39
C GLU A 17 -31.96 -23.68 -23.15
N THR A 18 -31.18 -24.75 -23.27
CA THR A 18 -31.65 -26.12 -22.88
C THR A 18 -32.20 -26.10 -21.47
N PHE A 19 -31.66 -25.19 -20.64
CA PHE A 19 -31.88 -25.28 -19.18
C PHE A 19 -32.91 -24.25 -18.70
N ALA A 20 -33.40 -23.37 -19.58
CA ALA A 20 -34.36 -22.34 -19.16
C ALA A 20 -35.68 -22.96 -18.60
N PRO A 21 -36.26 -24.00 -19.25
CA PRO A 21 -37.51 -24.52 -18.62
C PRO A 21 -37.31 -24.97 -17.16
N GLN A 22 -36.23 -25.70 -16.89
CA GLN A 22 -36.08 -26.32 -15.61
C GLN A 22 -35.54 -25.36 -14.50
N HIS A 23 -34.84 -24.28 -14.88
CA HIS A 23 -34.16 -23.43 -13.90
C HIS A 23 -34.42 -21.98 -14.28
N PRO A 24 -35.69 -21.50 -14.21
CA PRO A 24 -35.95 -20.16 -14.76
C PRO A 24 -35.28 -19.07 -13.94
N ASP A 25 -35.23 -19.19 -12.63
CA ASP A 25 -34.67 -18.08 -11.84
C ASP A 25 -33.16 -17.89 -12.10
N GLN A 26 -32.43 -18.98 -12.19
CA GLN A 26 -31.01 -18.90 -12.48
C GLN A 26 -30.79 -18.52 -13.94
N TYR A 27 -31.54 -19.12 -14.86
CA TYR A 27 -31.39 -18.77 -16.26
C TYR A 27 -31.69 -17.31 -16.59
N LEU A 28 -32.79 -16.78 -16.02
CA LEU A 28 -33.18 -15.41 -16.31
C LEU A 28 -32.19 -14.40 -15.77
N SER A 29 -31.65 -14.64 -14.57
CA SER A 29 -30.70 -13.64 -14.02
C SER A 29 -29.35 -13.82 -14.72
N TRP A 30 -29.01 -15.05 -15.06
CA TRP A 30 -27.81 -15.27 -15.90
C TRP A 30 -27.87 -14.49 -17.21
N LYS A 31 -28.97 -14.53 -17.91
CA LYS A 31 -29.10 -13.85 -19.16
C LYS A 31 -29.05 -12.34 -19.03
N ALA A 32 -29.48 -11.83 -17.88
CA ALA A 32 -29.49 -10.39 -17.58
C ALA A 32 -28.08 -9.80 -17.52
N THR A 33 -27.01 -10.59 -17.58
CA THR A 33 -25.71 -9.83 -17.67
C THR A 33 -25.63 -9.07 -19.00
N SER A 34 -26.61 -9.30 -19.89
CA SER A 34 -26.62 -8.61 -21.16
C SER A 34 -26.96 -7.12 -20.92
N GLU A 35 -27.50 -6.77 -19.76
CA GLU A 35 -27.67 -5.36 -19.42
C GLU A 35 -26.35 -4.66 -19.10
N GLN A 36 -25.32 -5.44 -18.82
CA GLN A 36 -24.05 -4.85 -18.41
C GLN A 36 -23.26 -4.68 -19.68
N SER A 37 -23.73 -3.75 -20.53
CA SER A 37 -23.23 -3.63 -21.92
C SER A 37 -22.24 -2.56 -22.31
N GLU A 38 -21.94 -1.59 -21.46
CA GLU A 38 -21.01 -0.55 -21.88
C GLU A 38 -19.60 -1.14 -22.03
N ARG A 39 -19.05 -1.02 -23.22
CA ARG A 39 -17.68 -1.43 -23.46
C ARG A 39 -16.73 -0.20 -23.40
N VAL A 40 -16.06 -0.04 -22.25
CA VAL A 40 -15.19 1.11 -21.98
C VAL A 40 -13.75 0.90 -22.53
N ASP A 41 -13.30 1.86 -23.35
CA ASP A 41 -12.00 1.84 -23.97
C ASP A 41 -10.92 2.24 -22.94
N ALA A 42 -10.18 1.25 -22.46
CA ALA A 42 -9.20 1.51 -21.43
C ALA A 42 -7.93 2.19 -21.94
N LEU A 43 -7.56 1.97 -23.21
CA LEU A 43 -6.38 2.64 -23.80
C LEU A 43 -6.70 4.10 -24.06
N ALA A 44 -7.98 4.41 -24.31
CA ALA A 44 -8.33 5.80 -24.55
C ALA A 44 -8.31 6.47 -23.18
N GLU A 45 -8.61 5.74 -22.15
CA GLU A 45 -8.65 6.39 -20.86
C GLU A 45 -7.17 6.59 -20.33
N ASP A 46 -6.28 5.73 -20.81
CA ASP A 46 -4.86 5.68 -20.33
C ASP A 46 -3.90 5.33 -21.46
N PRO A 47 -3.51 6.35 -22.25
CA PRO A 47 -2.73 6.08 -23.43
C PRO A 47 -1.33 5.58 -23.12
N ARG A 48 -0.87 5.67 -21.86
CA ARG A 48 0.47 5.19 -21.53
C ARG A 48 0.56 3.67 -21.74
N LEU A 49 -0.58 3.00 -21.69
CA LEU A 49 -0.66 1.53 -21.84
C LEU A 49 -0.17 1.08 -23.20
N VAL A 50 -0.47 1.88 -24.22
CA VAL A 50 0.06 1.67 -25.57
C VAL A 50 1.58 1.53 -25.57
N ILE A 51 2.28 2.36 -24.80
CA ILE A 51 3.75 2.36 -24.81
C ILE A 51 4.19 1.09 -24.06
N LEU A 52 3.56 0.80 -22.93
CA LEU A 52 4.10 -0.29 -22.06
C LEU A 52 3.88 -1.65 -22.69
N TRP A 53 2.87 -1.69 -23.55
CA TRP A 53 2.50 -2.90 -24.27
C TRP A 53 2.90 -2.89 -25.74
N ALA A 54 3.81 -1.95 -26.15
CA ALA A 54 4.22 -1.88 -27.57
C ALA A 54 4.75 -3.19 -28.10
N GLY A 55 4.31 -3.62 -29.29
CA GLY A 55 4.68 -4.95 -29.77
C GLY A 55 3.72 -6.07 -29.31
N TYR A 56 2.79 -5.77 -28.42
CA TYR A 56 1.87 -6.83 -27.96
C TYR A 56 0.44 -6.43 -28.36
N PRO A 57 -0.50 -7.41 -28.54
CA PRO A 57 -1.80 -6.99 -29.07
C PRO A 57 -2.60 -6.06 -28.15
N PHE A 58 -2.34 -6.09 -26.84
CA PHE A 58 -2.96 -5.14 -25.88
C PHE A 58 -2.68 -3.68 -26.24
N SER A 59 -1.59 -3.41 -26.99
CA SER A 59 -1.36 -2.01 -27.43
C SER A 59 -2.33 -1.63 -28.55
N ARG A 60 -3.11 -2.59 -29.07
CA ARG A 60 -4.08 -2.29 -30.17
C ARG A 60 -5.46 -2.02 -29.69
N ASP A 61 -5.86 -2.73 -28.64
CA ASP A 61 -7.23 -2.72 -28.19
C ASP A 61 -7.26 -3.40 -26.79
N TYR A 62 -7.84 -2.68 -25.83
CA TYR A 62 -7.98 -3.19 -24.48
C TYR A 62 -9.09 -2.40 -23.83
N ASN A 63 -10.19 -3.06 -23.51
CA ASN A 63 -11.39 -2.49 -22.92
C ASN A 63 -11.58 -3.03 -21.53
N LYS A 64 -12.27 -2.29 -20.70
CA LYS A 64 -12.78 -2.83 -19.45
C LYS A 64 -13.79 -3.98 -19.65
N PRO A 65 -13.79 -4.95 -18.73
CA PRO A 65 -14.67 -6.12 -18.83
C PRO A 65 -16.15 -5.64 -18.77
N ARG A 66 -17.06 -6.41 -19.35
CA ARG A 66 -18.47 -6.13 -19.17
C ARG A 66 -19.15 -7.48 -18.96
N GLY A 67 -20.43 -7.58 -19.15
CA GLY A 67 -21.13 -8.74 -18.58
C GLY A 67 -20.65 -10.01 -19.24
N HIS A 68 -20.76 -11.13 -18.51
CA HIS A 68 -20.43 -12.45 -19.14
C HIS A 68 -21.12 -12.70 -20.48
N ALA A 69 -22.31 -12.14 -20.69
CA ALA A 69 -23.08 -12.38 -21.91
C ALA A 69 -22.33 -11.92 -23.14
N PHE A 70 -21.40 -11.00 -22.97
CA PHE A 70 -20.56 -10.51 -24.08
C PHE A 70 -19.17 -11.13 -24.31
N ALA A 71 -18.82 -12.17 -23.55
CA ALA A 71 -17.47 -12.68 -23.59
C ALA A 71 -17.17 -13.16 -25.06
N VAL A 72 -18.11 -13.86 -25.66
CA VAL A 72 -17.91 -14.44 -27.01
C VAL A 72 -17.84 -13.36 -28.10
N THR A 73 -18.75 -12.40 -28.07
CA THR A 73 -18.71 -11.21 -28.89
C THR A 73 -17.39 -10.43 -28.73
N ASP A 74 -16.98 -10.21 -27.50
CA ASP A 74 -15.80 -9.38 -27.26
C ASP A 74 -14.52 -10.06 -27.77
N VAL A 75 -14.39 -11.41 -27.69
CA VAL A 75 -13.16 -12.06 -28.20
C VAL A 75 -13.17 -12.09 -29.75
N ARG A 76 -14.37 -12.17 -30.33
CA ARG A 76 -14.54 -12.06 -31.79
C ARG A 76 -14.24 -10.67 -32.30
N GLU A 77 -14.64 -9.63 -31.54
CA GLU A 77 -14.54 -8.21 -32.00
C GLU A 77 -13.24 -7.49 -31.67
N THR A 78 -12.51 -7.98 -30.70
CA THR A 78 -11.29 -7.29 -30.32
C THR A 78 -10.27 -7.26 -31.43
N LEU A 79 -9.56 -6.13 -31.59
CA LEU A 79 -8.52 -6.07 -32.58
C LEU A 79 -7.48 -7.09 -32.24
N ARG A 80 -7.41 -7.46 -30.97
CA ARG A 80 -6.34 -8.44 -30.57
C ARG A 80 -6.31 -9.75 -31.37
N THR A 81 -7.48 -10.25 -31.82
CA THR A 81 -7.55 -11.55 -32.53
C THR A 81 -7.43 -11.33 -34.03
N GLY A 82 -7.43 -10.06 -34.44
CA GLY A 82 -7.24 -9.68 -35.85
C GLY A 82 -8.32 -10.17 -36.81
N ALA A 83 -7.93 -10.37 -38.07
CA ALA A 83 -8.85 -10.65 -39.16
C ALA A 83 -8.35 -11.89 -39.91
N PRO A 84 -8.30 -13.07 -39.22
CA PRO A 84 -7.84 -14.27 -39.91
C PRO A 84 -8.70 -14.58 -41.14
N LYS A 85 -8.03 -14.92 -42.23
CA LYS A 85 -8.68 -15.17 -43.53
C LYS A 85 -9.10 -16.62 -43.61
N ASN A 86 -8.58 -17.46 -42.72
CA ASN A 86 -8.95 -18.87 -42.71
C ASN A 86 -8.50 -19.50 -41.38
N ALA A 87 -8.87 -20.79 -41.20
CA ALA A 87 -8.64 -21.58 -40.00
C ALA A 87 -7.19 -21.69 -39.57
N GLU A 88 -6.24 -21.54 -40.48
CA GLU A 88 -4.83 -21.58 -40.16
C GLU A 88 -4.18 -20.17 -39.95
N ASP A 89 -4.98 -19.12 -40.02
CA ASP A 89 -4.49 -17.75 -40.10
C ASP A 89 -4.70 -17.00 -38.73
N GLY A 90 -4.30 -15.73 -38.68
CA GLY A 90 -4.49 -14.85 -37.51
C GLY A 90 -3.35 -15.02 -36.54
N PRO A 91 -3.13 -14.01 -35.68
CA PRO A 91 -2.01 -13.98 -34.74
C PRO A 91 -2.20 -14.88 -33.53
N LEU A 92 -3.41 -15.25 -33.16
CA LEU A 92 -3.59 -15.91 -31.85
C LEU A 92 -4.06 -17.38 -31.87
N PRO A 93 -3.81 -18.14 -30.78
CA PRO A 93 -4.05 -19.59 -30.80
C PRO A 93 -5.41 -19.94 -30.26
N MET A 94 -5.81 -21.19 -30.40
CA MET A 94 -7.07 -21.68 -29.83
C MET A 94 -7.29 -21.35 -28.34
N ALA A 95 -6.21 -21.29 -27.57
CA ALA A 95 -6.37 -21.00 -26.14
C ALA A 95 -7.13 -19.68 -25.82
N CYS A 96 -7.18 -18.71 -26.74
CA CYS A 96 -7.98 -17.49 -26.53
C CYS A 96 -9.45 -17.78 -26.36
N TRP A 97 -9.95 -18.96 -26.78
CA TRP A 97 -11.38 -19.21 -26.59
C TRP A 97 -11.64 -19.65 -25.17
N SER A 98 -10.60 -20.04 -24.42
CA SER A 98 -10.78 -20.95 -23.19
C SER A 98 -11.65 -20.48 -22.07
N CYS A 99 -11.67 -19.16 -21.88
CA CYS A 99 -12.43 -18.56 -20.78
C CYS A 99 -13.62 -17.79 -21.26
N LYS A 100 -14.15 -18.17 -22.43
CA LYS A 100 -15.20 -17.40 -23.05
C LYS A 100 -16.52 -18.19 -23.24
N SER A 101 -16.53 -19.51 -23.21
CA SER A 101 -17.76 -20.18 -23.63
C SER A 101 -17.77 -21.62 -23.19
N PRO A 102 -18.97 -22.19 -22.90
CA PRO A 102 -19.04 -23.62 -22.55
C PRO A 102 -18.81 -24.57 -23.72
N ASP A 103 -18.85 -24.08 -24.95
CA ASP A 103 -18.26 -24.91 -26.05
C ASP A 103 -16.79 -25.37 -25.82
N VAL A 104 -15.98 -24.58 -25.08
CA VAL A 104 -14.65 -25.06 -24.70
C VAL A 104 -14.74 -26.37 -23.88
N ALA A 105 -15.57 -26.39 -22.84
CA ALA A 105 -15.81 -27.63 -22.08
C ALA A 105 -16.26 -28.78 -23.01
N ARG A 106 -17.23 -28.51 -23.88
CA ARG A 106 -17.66 -29.43 -24.95
C ARG A 106 -16.49 -29.96 -25.82
N LEU A 107 -15.58 -29.08 -26.33
CA LEU A 107 -14.48 -29.52 -27.19
C LEU A 107 -13.41 -30.32 -26.43
N ILE A 108 -13.18 -29.92 -25.19
CA ILE A 108 -12.18 -30.57 -24.37
C ILE A 108 -12.65 -32.04 -24.11
N GLN A 109 -13.91 -32.21 -23.76
CA GLN A 109 -14.47 -33.55 -23.64
C GLN A 109 -14.43 -34.34 -24.98
N LYS A 110 -14.86 -33.75 -26.08
CA LYS A 110 -14.84 -34.41 -27.39
C LYS A 110 -13.47 -34.76 -28.02
N ASP A 111 -12.50 -33.82 -27.99
CA ASP A 111 -11.23 -34.01 -28.68
C ASP A 111 -10.09 -34.18 -27.74
N GLY A 112 -10.36 -34.11 -26.46
CA GLY A 112 -9.35 -33.96 -25.43
C GLY A 112 -8.67 -32.60 -25.38
N GLU A 113 -8.02 -32.36 -24.26
CA GLU A 113 -7.25 -31.14 -23.98
C GLU A 113 -6.23 -30.83 -25.06
N ASP A 114 -5.30 -31.72 -25.40
CA ASP A 114 -4.34 -31.41 -26.49
C ASP A 114 -5.02 -31.09 -27.82
N GLY A 115 -6.06 -31.85 -28.17
CA GLY A 115 -6.84 -31.64 -29.39
C GLY A 115 -7.56 -30.28 -29.37
N TYR A 116 -8.12 -29.90 -28.22
CA TYR A 116 -8.67 -28.56 -28.11
C TYR A 116 -7.61 -27.42 -28.37
N PHE A 117 -6.45 -27.51 -27.74
CA PHE A 117 -5.51 -26.37 -27.78
C PHE A 117 -4.74 -26.22 -29.06
N HIS A 118 -4.76 -27.27 -29.87
CA HIS A 118 -4.01 -27.27 -31.15
C HIS A 118 -4.61 -26.29 -32.18
N GLY A 119 -3.73 -25.60 -32.91
CA GLY A 119 -4.17 -24.68 -33.97
C GLY A 119 -4.43 -23.24 -33.50
N LYS A 120 -5.06 -22.49 -34.40
CA LYS A 120 -5.29 -21.07 -34.26
C LYS A 120 -6.69 -20.81 -33.77
N TRP A 121 -6.86 -19.63 -33.17
CA TRP A 121 -8.15 -19.16 -32.67
C TRP A 121 -9.21 -19.29 -33.77
N ALA A 122 -8.81 -18.94 -35.00
CA ALA A 122 -9.69 -18.91 -36.14
C ALA A 122 -10.37 -20.29 -36.37
N ARG A 123 -9.70 -21.40 -36.02
CA ARG A 123 -10.23 -22.76 -36.22
C ARG A 123 -11.47 -23.01 -35.34
N GLY A 124 -11.51 -22.33 -34.18
CA GLY A 124 -12.58 -22.54 -33.25
C GLY A 124 -13.77 -21.68 -33.64
N GLY A 125 -13.65 -20.85 -34.67
CA GLY A 125 -14.73 -19.89 -34.93
C GLY A 125 -16.15 -20.51 -35.04
N PRO A 126 -16.31 -21.57 -35.81
CA PRO A 126 -17.64 -22.20 -35.93
C PRO A 126 -17.97 -23.30 -34.88
N GLU A 127 -17.18 -23.38 -33.81
CA GLU A 127 -17.33 -24.41 -32.76
C GLU A 127 -17.66 -23.76 -31.42
N ILE A 128 -17.07 -22.58 -31.15
CA ILE A 128 -17.14 -21.93 -29.85
C ILE A 128 -18.12 -20.78 -30.04
N VAL A 129 -19.39 -21.06 -29.79
CA VAL A 129 -20.43 -20.13 -30.20
C VAL A 129 -21.54 -19.79 -29.17
N ASN A 130 -21.64 -20.53 -28.09
CA ASN A 130 -22.63 -20.23 -27.05
C ASN A 130 -22.01 -19.33 -25.96
N ASN A 131 -22.80 -18.44 -25.40
CA ASN A 131 -22.33 -17.57 -24.33
C ASN A 131 -21.85 -18.34 -23.09
N LEU A 132 -20.82 -17.82 -22.44
CA LEU A 132 -20.38 -18.23 -21.10
C LEU A 132 -21.61 -18.64 -20.25
N GLY A 133 -21.61 -19.87 -19.76
CA GLY A 133 -22.92 -20.50 -19.39
C GLY A 133 -22.85 -21.70 -18.49
N CYS A 134 -23.98 -22.40 -18.35
CA CYS A 134 -24.16 -23.31 -17.23
C CYS A 134 -23.03 -24.34 -17.15
N ALA A 135 -22.63 -24.91 -18.28
CA ALA A 135 -21.62 -26.00 -18.22
C ALA A 135 -20.22 -25.48 -17.92
N ASP A 136 -20.00 -24.16 -17.85
CA ASP A 136 -18.69 -23.71 -17.37
C ASP A 136 -18.49 -23.93 -15.86
N CYS A 137 -19.58 -23.88 -15.10
CA CYS A 137 -19.51 -23.96 -13.65
C CYS A 137 -20.18 -25.14 -13.03
N HIS A 138 -21.03 -25.80 -13.81
CA HIS A 138 -21.92 -26.81 -13.31
C HIS A 138 -21.69 -28.13 -14.06
N ASN A 139 -21.76 -29.24 -13.35
CA ASN A 139 -21.86 -30.56 -14.02
C ASN A 139 -23.32 -30.78 -14.43
N THR A 140 -23.71 -30.29 -15.59
CA THR A 140 -25.10 -30.31 -16.06
C THR A 140 -25.55 -31.73 -16.46
N ALA A 141 -24.59 -32.64 -16.57
CA ALA A 141 -24.81 -34.07 -16.82
C ALA A 141 -25.30 -34.82 -15.59
N SER A 142 -25.06 -34.32 -14.39
CA SER A 142 -25.42 -35.04 -13.19
C SER A 142 -26.91 -35.07 -13.06
N PRO A 143 -27.49 -36.24 -12.68
CA PRO A 143 -28.98 -36.29 -12.51
C PRO A 143 -29.42 -35.39 -11.35
N GLU A 144 -28.50 -35.08 -10.45
CA GLU A 144 -28.80 -34.08 -9.41
C GLU A 144 -29.04 -32.63 -9.91
N PHE A 145 -28.44 -32.23 -11.06
CA PHE A 145 -28.53 -30.83 -11.54
C PHE A 145 -29.97 -30.48 -11.92
N ALA A 146 -30.62 -31.36 -12.68
CA ALA A 146 -32.04 -31.16 -13.01
C ALA A 146 -32.98 -31.11 -11.77
N LYS A 147 -32.62 -31.78 -10.68
CA LYS A 147 -33.34 -31.64 -9.40
C LYS A 147 -32.97 -30.37 -8.64
N GLY A 148 -32.10 -29.53 -9.16
CA GLY A 148 -31.91 -28.24 -8.50
C GLY A 148 -30.64 -28.11 -7.68
N LYS A 149 -29.84 -29.14 -7.62
CA LYS A 149 -28.57 -29.03 -6.89
C LYS A 149 -27.48 -28.50 -7.80
N PRO A 150 -26.62 -27.58 -7.30
CA PRO A 150 -25.61 -26.96 -8.23
C PRO A 150 -24.63 -27.95 -8.87
N GLU A 151 -24.14 -28.93 -8.11
CA GLU A 151 -23.14 -29.86 -8.67
C GLU A 151 -21.98 -29.02 -9.34
N LEU A 152 -21.43 -28.07 -8.59
CA LEU A 152 -20.35 -27.21 -9.10
C LEU A 152 -19.24 -28.11 -9.53
N THR A 153 -18.61 -27.74 -10.62
CA THR A 153 -17.53 -28.54 -11.17
C THR A 153 -16.45 -27.61 -11.79
N LEU A 154 -15.21 -28.10 -11.86
CA LEU A 154 -14.19 -27.47 -12.68
C LEU A 154 -14.30 -28.10 -14.08
N SER A 155 -14.80 -27.36 -15.06
CA SER A 155 -14.93 -27.91 -16.37
C SER A 155 -13.61 -27.75 -17.12
N ARG A 156 -12.66 -27.03 -16.55
CA ARG A 156 -11.37 -26.79 -17.20
C ARG A 156 -10.28 -27.56 -16.47
N PRO A 157 -9.64 -28.50 -17.14
CA PRO A 157 -8.67 -29.36 -16.46
C PRO A 157 -7.38 -28.63 -16.03
N TYR A 158 -6.90 -27.67 -16.82
CA TYR A 158 -5.78 -26.84 -16.35
C TYR A 158 -6.13 -26.07 -15.06
N ALA A 159 -7.39 -25.71 -14.84
CA ALA A 159 -7.73 -25.07 -13.56
C ALA A 159 -7.71 -26.07 -12.38
N ALA A 160 -8.19 -27.28 -12.67
CA ALA A 160 -8.13 -28.38 -11.69
C ALA A 160 -6.70 -28.64 -11.32
N ARG A 161 -5.80 -28.69 -12.30
CA ARG A 161 -4.38 -28.93 -11.97
C ARG A 161 -3.78 -27.77 -11.21
N ALA A 162 -4.17 -26.53 -11.51
CA ALA A 162 -3.76 -25.38 -10.68
C ALA A 162 -4.21 -25.41 -9.20
N MET A 163 -5.49 -25.72 -8.97
CA MET A 163 -6.03 -25.77 -7.66
C MET A 163 -5.32 -26.90 -6.83
N GLU A 164 -4.94 -27.99 -7.48
CA GLU A 164 -4.16 -29.05 -6.79
C GLU A 164 -2.73 -28.55 -6.49
N ALA A 165 -2.12 -27.81 -7.41
CA ALA A 165 -0.82 -27.19 -7.16
C ALA A 165 -0.78 -26.25 -5.95
N ILE A 166 -1.90 -25.63 -5.54
CA ILE A 166 -1.83 -24.77 -4.37
C ILE A 166 -2.39 -25.49 -3.16
N GLY A 167 -2.47 -26.82 -3.26
CA GLY A 167 -2.86 -27.71 -2.16
C GLY A 167 -4.35 -27.60 -1.84
N LYS A 168 -5.20 -27.36 -2.86
CA LYS A 168 -6.65 -27.34 -2.66
C LYS A 168 -7.33 -28.16 -3.78
N PRO A 169 -7.07 -29.46 -3.85
CA PRO A 169 -7.75 -30.23 -4.87
C PRO A 169 -9.27 -29.99 -4.81
N PHE A 170 -9.89 -29.75 -5.95
CA PHE A 170 -11.24 -29.20 -5.90
C PHE A 170 -12.24 -30.21 -5.33
N GLU A 171 -12.13 -31.48 -5.71
CA GLU A 171 -13.11 -32.46 -5.18
C GLU A 171 -13.03 -32.69 -3.68
N LYS A 172 -11.92 -32.33 -3.03
CA LYS A 172 -11.87 -32.43 -1.60
C LYS A 172 -12.24 -31.15 -0.88
N ALA A 173 -12.31 -30.01 -1.59
CA ALA A 173 -12.48 -28.72 -0.93
C ALA A 173 -13.92 -28.66 -0.44
N GLY A 174 -14.23 -27.90 0.56
CA GLY A 174 -15.66 -27.92 0.91
C GLY A 174 -16.43 -27.03 -0.07
N ARG A 175 -17.76 -27.05 0.05
CA ARG A 175 -18.68 -26.26 -0.71
C ARG A 175 -18.17 -24.80 -0.85
N PHE A 176 -17.81 -24.15 0.25
CA PHE A 176 -17.51 -22.73 0.17
C PHE A 176 -16.21 -22.39 -0.53
N ASP A 177 -15.17 -23.17 -0.30
CA ASP A 177 -13.93 -23.05 -1.11
C ASP A 177 -14.22 -23.30 -2.59
N GLN A 178 -15.07 -24.27 -2.91
CA GLN A 178 -15.38 -24.57 -4.33
C GLN A 178 -16.06 -23.39 -5.02
N GLN A 179 -16.92 -22.68 -4.29
CA GLN A 179 -17.53 -21.48 -4.87
C GLN A 179 -16.52 -20.53 -5.55
N SER A 180 -15.43 -20.15 -4.90
CA SER A 180 -14.54 -19.16 -5.51
C SER A 180 -13.70 -19.80 -6.61
N MET A 181 -13.51 -21.11 -6.46
CA MET A 181 -12.71 -21.82 -7.40
C MET A 181 -13.41 -21.91 -8.73
N VAL A 182 -14.74 -21.98 -8.81
CA VAL A 182 -15.27 -21.95 -10.19
C VAL A 182 -14.98 -20.60 -10.92
N CYS A 183 -14.99 -19.49 -10.19
CA CYS A 183 -14.54 -18.19 -10.77
C CYS A 183 -13.06 -18.20 -11.11
N GLY A 184 -12.26 -18.93 -10.29
CA GLY A 184 -10.77 -19.14 -10.47
C GLY A 184 -10.42 -20.07 -11.63
N GLN A 185 -11.41 -20.50 -12.41
CA GLN A 185 -11.08 -21.14 -13.70
C GLN A 185 -10.59 -20.10 -14.72
N CYS A 186 -11.07 -18.84 -14.57
CA CYS A 186 -10.85 -17.83 -15.60
C CYS A 186 -10.26 -16.53 -15.05
N HIS A 187 -10.61 -16.17 -13.83
CA HIS A 187 -10.27 -14.86 -13.30
C HIS A 187 -8.96 -15.01 -12.59
N VAL A 188 -7.92 -15.26 -13.38
CA VAL A 188 -6.57 -15.58 -12.83
C VAL A 188 -5.50 -15.06 -13.77
N GLU A 189 -4.25 -14.96 -13.29
CA GLU A 189 -3.10 -14.78 -14.17
C GLU A 189 -2.74 -16.16 -14.78
N TYR A 190 -2.40 -16.19 -16.08
CA TYR A 190 -2.11 -17.50 -16.75
C TYR A 190 -1.05 -17.20 -17.80
N TYR A 191 -0.50 -18.26 -18.38
CA TYR A 191 0.27 -18.05 -19.57
C TYR A 191 0.05 -19.24 -20.49
N PHE A 192 0.61 -19.14 -21.69
CA PHE A 192 0.50 -20.20 -22.72
C PHE A 192 1.81 -20.97 -22.75
N ASP A 193 1.67 -22.27 -22.56
CA ASP A 193 2.84 -23.06 -22.33
C ASP A 193 2.92 -24.13 -23.39
N GLY A 194 4.13 -24.36 -23.91
CA GLY A 194 4.33 -25.41 -24.85
C GLY A 194 4.06 -24.98 -26.30
N LYS A 195 4.27 -25.94 -27.19
CA LYS A 195 4.09 -25.70 -28.62
C LYS A 195 2.62 -25.66 -29.00
N ASN A 196 1.73 -26.36 -28.32
CA ASN A 196 0.29 -26.17 -28.55
C ASN A 196 -0.34 -24.90 -27.88
N LYS A 197 0.48 -24.17 -27.13
CA LYS A 197 0.09 -23.01 -26.35
C LYS A 197 -1.13 -23.30 -25.47
N ALA A 198 -0.95 -24.20 -24.49
CA ALA A 198 -2.01 -24.63 -23.57
C ALA A 198 -2.02 -23.66 -22.37
N VAL A 199 -3.21 -23.39 -21.81
CA VAL A 199 -3.31 -22.50 -20.68
C VAL A 199 -2.67 -23.13 -19.44
N LYS A 200 -1.85 -22.38 -18.71
CA LYS A 200 -1.25 -22.81 -17.47
C LYS A 200 -1.31 -21.68 -16.45
N PHE A 201 -1.68 -21.91 -15.18
CA PHE A 201 -1.59 -20.82 -14.21
C PHE A 201 -0.23 -20.97 -13.50
N PRO A 202 0.54 -19.87 -13.35
CA PRO A 202 1.93 -19.97 -12.85
C PRO A 202 1.95 -20.04 -11.34
N TRP A 203 1.30 -21.06 -10.78
CA TRP A 203 1.08 -21.14 -9.32
C TRP A 203 1.91 -22.18 -8.58
N ASP A 204 2.80 -22.89 -9.27
CA ASP A 204 3.58 -23.98 -8.65
C ASP A 204 4.28 -23.51 -7.43
N ASP A 205 4.74 -22.27 -7.42
CA ASP A 205 5.51 -21.80 -6.25
C ASP A 205 4.71 -20.93 -5.29
N GLY A 206 3.36 -20.87 -5.49
CA GLY A 206 2.48 -20.01 -4.71
C GLY A 206 1.90 -18.88 -5.61
N MET A 207 0.95 -18.12 -5.06
CA MET A 207 0.20 -17.09 -5.85
C MET A 207 0.67 -15.65 -5.69
N LYS A 208 1.76 -15.44 -4.96
CA LYS A 208 2.22 -14.07 -4.75
C LYS A 208 3.04 -13.59 -5.93
N VAL A 209 3.07 -12.25 -6.09
CA VAL A 209 3.76 -11.63 -7.18
C VAL A 209 5.22 -12.13 -7.27
N GLU A 210 5.86 -12.37 -6.11
CA GLU A 210 7.27 -12.79 -6.03
C GLU A 210 7.40 -14.24 -6.47
N ASN A 211 6.36 -15.04 -6.16
CA ASN A 211 6.37 -16.49 -6.48
C ASN A 211 6.25 -16.63 -7.96
N MET A 212 5.27 -15.96 -8.53
CA MET A 212 5.08 -16.00 -9.98
C MET A 212 6.22 -15.43 -10.80
N GLU A 213 6.83 -14.34 -10.35
CA GLU A 213 7.99 -13.76 -11.04
C GLU A 213 9.11 -14.84 -11.05
N GLN A 214 9.37 -15.49 -9.90
CA GLN A 214 10.31 -16.69 -9.76
C GLN A 214 9.98 -17.86 -10.71
N TYR A 215 8.69 -18.14 -10.91
CA TYR A 215 8.25 -19.15 -11.85
C TYR A 215 8.58 -18.80 -13.32
N TYR A 216 8.36 -17.56 -13.70
CA TYR A 216 8.69 -17.16 -15.03
C TYR A 216 10.19 -17.00 -15.21
N ASP A 217 10.89 -16.55 -14.20
CA ASP A 217 12.35 -16.33 -14.40
C ASP A 217 13.13 -17.65 -14.42
N LYS A 218 12.66 -18.62 -13.67
CA LYS A 218 13.46 -19.84 -13.67
C LYS A 218 13.38 -20.63 -15.03
N ILE A 219 12.35 -20.37 -15.86
CA ILE A 219 12.26 -20.93 -17.22
C ILE A 219 12.54 -19.89 -18.31
N ALA A 220 13.01 -18.72 -17.91
CA ALA A 220 13.21 -17.59 -18.84
C ALA A 220 12.02 -17.32 -19.77
N PHE A 221 10.79 -17.35 -19.25
CA PHE A 221 9.64 -17.13 -20.08
C PHE A 221 9.44 -15.67 -20.37
N SER A 222 8.98 -15.33 -21.59
CA SER A 222 8.47 -13.99 -21.95
C SER A 222 7.24 -14.12 -22.81
N ASP A 223 6.24 -13.26 -22.56
CA ASP A 223 5.11 -13.13 -23.43
C ASP A 223 5.40 -12.43 -24.72
N TRP A 224 6.28 -11.38 -24.69
CA TRP A 224 6.65 -10.75 -25.96
C TRP A 224 7.89 -9.85 -25.63
N THR A 225 8.43 -9.26 -26.69
CA THR A 225 9.52 -8.30 -26.61
C THR A 225 9.00 -6.88 -26.89
N ASN A 226 9.07 -5.97 -25.90
CA ASN A 226 8.61 -4.61 -26.09
C ASN A 226 9.40 -4.02 -27.28
N SER A 227 8.67 -3.55 -28.28
CA SER A 227 9.30 -3.12 -29.52
C SER A 227 10.04 -1.73 -29.40
N LEU A 228 9.94 -1.04 -28.27
CA LEU A 228 10.74 0.21 -27.99
C LEU A 228 12.03 -0.15 -27.27
N SER A 229 11.92 -0.83 -26.14
CA SER A 229 13.06 -1.11 -25.33
C SER A 229 13.74 -2.45 -25.61
N LYS A 230 13.14 -3.25 -26.49
CA LYS A 230 13.55 -4.65 -26.74
C LYS A 230 13.60 -5.45 -25.46
N THR A 231 12.81 -5.08 -24.45
CA THR A 231 12.79 -5.87 -23.23
C THR A 231 11.93 -7.15 -23.44
N PRO A 232 12.43 -8.32 -23.00
CA PRO A 232 11.55 -9.56 -22.86
C PRO A 232 10.56 -9.42 -21.67
N MET A 233 9.29 -9.22 -21.97
CA MET A 233 8.34 -8.70 -21.00
C MET A 233 7.45 -9.87 -20.54
N LEU A 234 6.89 -9.73 -19.34
CA LEU A 234 5.74 -10.52 -18.88
C LEU A 234 4.46 -9.71 -18.94
N LYS A 235 3.36 -10.36 -19.37
CA LYS A 235 2.03 -9.74 -19.34
C LYS A 235 1.23 -10.35 -18.21
N ALA A 236 0.70 -9.52 -17.34
CA ALA A 236 -0.25 -10.01 -16.32
C ALA A 236 -1.69 -9.99 -16.82
N GLN A 237 -2.52 -10.93 -16.41
CA GLN A 237 -3.96 -10.80 -16.73
C GLN A 237 -4.80 -10.98 -15.45
N ASN A 238 -5.80 -10.16 -15.27
CA ASN A 238 -6.79 -10.23 -14.16
C ASN A 238 -6.63 -11.33 -13.07
N PRO A 239 -5.68 -11.13 -12.13
CA PRO A 239 -5.43 -12.09 -11.03
C PRO A 239 -6.43 -11.93 -9.85
N GLU A 240 -7.74 -11.98 -10.13
CA GLU A 240 -8.70 -11.88 -9.06
C GLU A 240 -8.58 -13.00 -8.01
N TYR A 241 -8.50 -14.28 -8.44
CA TYR A 241 -8.41 -15.40 -7.50
C TYR A 241 -7.19 -15.14 -6.62
N GLU A 242 -6.06 -14.77 -7.23
CA GLU A 242 -4.82 -14.61 -6.39
C GLU A 242 -4.89 -13.44 -5.43
N THR A 243 -5.43 -12.33 -5.91
CA THR A 243 -5.44 -11.18 -5.04
C THR A 243 -6.57 -11.25 -3.99
N TRP A 244 -7.77 -11.72 -4.38
CA TRP A 244 -8.81 -12.03 -3.38
C TRP A 244 -8.26 -12.94 -2.25
N THR A 245 -7.49 -13.99 -2.60
CA THR A 245 -6.93 -14.90 -1.59
C THR A 245 -6.05 -14.05 -0.61
N ALA A 246 -5.35 -13.03 -1.12
CA ALA A 246 -4.42 -12.26 -0.29
C ALA A 246 -5.16 -11.22 0.57
N GLY A 247 -6.39 -10.84 0.20
CA GLY A 247 -7.02 -9.72 0.86
C GLY A 247 -7.77 -10.17 2.10
N ILE A 248 -8.18 -9.20 2.91
CA ILE A 248 -8.90 -9.43 4.13
C ILE A 248 -10.18 -10.29 3.97
N HIS A 249 -10.95 -10.07 2.91
CA HIS A 249 -12.17 -10.84 2.69
C HIS A 249 -11.88 -12.33 2.43
N GLY A 250 -10.96 -12.60 1.50
CA GLY A 250 -10.47 -13.95 1.23
C GLY A 250 -9.96 -14.59 2.50
N LYS A 251 -9.21 -13.86 3.33
CA LYS A 251 -8.60 -14.44 4.53
C LYS A 251 -9.72 -14.87 5.52
N ASN A 252 -10.88 -14.23 5.45
CA ASN A 252 -12.00 -14.57 6.29
C ASN A 252 -13.05 -15.45 5.59
N ASN A 253 -12.68 -16.06 4.47
CA ASN A 253 -13.57 -16.97 3.78
C ASN A 253 -14.82 -16.31 3.22
N VAL A 254 -14.73 -15.02 2.88
CA VAL A 254 -15.87 -14.32 2.23
C VAL A 254 -15.59 -14.61 0.74
N THR A 255 -16.49 -15.33 0.10
CA THR A 255 -16.19 -15.91 -1.21
C THR A 255 -16.62 -14.93 -2.31
N CYS A 256 -16.24 -15.19 -3.57
CA CYS A 256 -16.67 -14.35 -4.67
C CYS A 256 -18.20 -14.27 -4.73
N ILE A 257 -18.84 -15.37 -4.36
CA ILE A 257 -20.29 -15.55 -4.46
C ILE A 257 -21.04 -14.69 -3.42
N ASP A 258 -20.47 -14.56 -2.23
CA ASP A 258 -21.02 -13.79 -1.13
C ASP A 258 -21.24 -12.42 -1.62
N CYS A 259 -20.32 -11.91 -2.46
CA CYS A 259 -20.49 -10.60 -3.01
C CYS A 259 -21.13 -10.53 -4.37
N HIS A 260 -20.76 -11.42 -5.27
CA HIS A 260 -21.17 -11.26 -6.66
C HIS A 260 -22.38 -12.11 -7.07
N MET A 261 -22.74 -13.15 -6.29
CA MET A 261 -23.94 -13.98 -6.60
C MET A 261 -24.70 -14.17 -5.31
N PRO A 262 -25.32 -13.11 -4.83
CA PRO A 262 -25.96 -13.31 -3.54
C PRO A 262 -27.30 -14.11 -3.58
N LYS A 263 -27.66 -14.71 -2.45
CA LYS A 263 -28.97 -15.35 -2.31
C LYS A 263 -30.08 -14.26 -2.36
N VAL A 264 -31.02 -14.34 -3.29
CA VAL A 264 -32.12 -13.40 -3.35
C VAL A 264 -33.44 -14.18 -3.45
N GLN A 265 -34.56 -13.47 -3.30
CA GLN A 265 -35.87 -14.10 -3.29
C GLN A 265 -36.46 -13.88 -4.65
N ASN A 266 -37.10 -14.88 -5.26
CA ASN A 266 -37.90 -14.60 -6.43
C ASN A 266 -39.28 -13.98 -5.99
N ALA A 267 -40.15 -13.74 -6.96
CA ALA A 267 -41.52 -13.24 -6.76
C ALA A 267 -42.35 -14.04 -5.76
N GLU A 268 -42.27 -15.37 -5.79
CA GLU A 268 -42.95 -16.25 -4.81
C GLU A 268 -42.25 -16.31 -3.43
N GLY A 269 -41.17 -15.56 -3.26
CA GLY A 269 -40.37 -15.66 -2.04
C GLY A 269 -39.37 -16.82 -1.95
N LYS A 270 -39.16 -17.58 -3.01
CA LYS A 270 -38.22 -18.67 -2.90
C LYS A 270 -36.79 -18.09 -3.09
N LEU A 271 -35.89 -18.45 -2.22
CA LEU A 271 -34.48 -18.05 -2.29
C LEU A 271 -33.75 -18.81 -3.43
N TYR A 272 -32.92 -18.10 -4.21
CA TYR A 272 -32.04 -18.76 -5.20
C TYR A 272 -30.75 -17.93 -5.35
N THR A 273 -29.73 -18.49 -5.97
CA THR A 273 -28.49 -17.72 -6.27
C THR A 273 -28.71 -16.81 -7.45
N ASP A 274 -28.53 -15.52 -7.23
CA ASP A 274 -28.58 -14.48 -8.30
C ASP A 274 -27.42 -14.75 -9.23
N HIS A 275 -27.74 -14.98 -10.48
CA HIS A 275 -26.76 -15.23 -11.51
C HIS A 275 -26.41 -13.99 -12.38
N LYS A 276 -26.94 -12.84 -12.04
CA LYS A 276 -26.58 -11.63 -12.79
C LYS A 276 -25.29 -11.14 -12.19
N ILE A 277 -24.20 -11.76 -12.59
CA ILE A 277 -22.89 -11.45 -12.03
C ILE A 277 -22.39 -10.05 -12.43
N GLY A 278 -22.31 -9.15 -11.45
CA GLY A 278 -21.86 -7.80 -11.74
C GLY A 278 -21.34 -7.07 -10.51
N ASN A 279 -21.86 -5.87 -10.33
CA ASN A 279 -21.32 -4.98 -9.29
C ASN A 279 -22.14 -5.23 -8.01
N PRO A 280 -21.49 -5.75 -6.98
CA PRO A 280 -22.20 -6.07 -5.73
C PRO A 280 -22.90 -4.90 -5.08
N PHE A 281 -22.45 -3.68 -5.38
CA PHE A 281 -23.12 -2.48 -4.89
C PHE A 281 -24.55 -2.37 -5.43
N ASP A 282 -24.81 -2.98 -6.56
CA ASP A 282 -26.20 -2.90 -7.06
C ASP A 282 -27.18 -3.62 -6.20
N ASN A 283 -26.72 -4.59 -5.40
CA ASN A 283 -27.66 -5.19 -4.48
C ASN A 283 -27.08 -5.24 -3.11
N PHE A 284 -26.74 -4.02 -2.64
CA PHE A 284 -26.12 -3.78 -1.39
C PHE A 284 -26.81 -4.45 -0.25
N ALA A 285 -28.14 -4.44 -0.23
CA ALA A 285 -28.94 -5.04 0.87
C ALA A 285 -28.75 -6.54 1.02
N GLN A 286 -28.46 -7.21 -0.09
CA GLN A 286 -28.23 -8.63 -0.08
C GLN A 286 -26.73 -8.96 -0.11
N THR A 287 -25.84 -7.97 -0.28
CA THR A 287 -24.40 -8.28 -0.27
C THR A 287 -23.69 -7.72 0.94
N CYS A 288 -23.07 -6.54 0.85
CA CYS A 288 -22.35 -6.01 2.02
C CYS A 288 -23.21 -5.91 3.28
N ALA A 289 -24.49 -5.54 3.18
CA ALA A 289 -25.34 -5.35 4.41
C ALA A 289 -25.65 -6.66 5.14
N ASN A 290 -25.38 -7.79 4.49
CA ASN A 290 -25.38 -9.06 5.24
C ASN A 290 -24.38 -9.14 6.36
N CYS A 291 -23.28 -8.42 6.24
CA CYS A 291 -22.26 -8.53 7.24
C CYS A 291 -21.81 -7.21 7.77
N HIS A 292 -22.23 -6.09 7.17
CA HIS A 292 -21.71 -4.78 7.60
C HIS A 292 -22.88 -3.94 8.06
N THR A 293 -22.62 -3.06 9.03
CA THR A 293 -23.66 -2.18 9.55
C THR A 293 -23.58 -0.80 8.89
N GLN A 294 -22.45 -0.45 8.26
CA GLN A 294 -22.31 0.84 7.60
C GLN A 294 -23.27 0.96 6.44
N ASP A 295 -23.67 2.18 6.08
CA ASP A 295 -24.66 2.29 5.03
C ASP A 295 -23.99 2.29 3.67
N LYS A 296 -24.79 2.19 2.62
CA LYS A 296 -24.24 1.98 1.30
C LYS A 296 -23.26 3.12 0.87
N ALA A 297 -23.64 4.38 1.10
CA ALA A 297 -22.81 5.52 0.68
C ALA A 297 -21.51 5.55 1.44
N ALA A 298 -21.52 5.22 2.74
CA ALA A 298 -20.29 5.18 3.50
C ALA A 298 -19.33 4.13 2.92
N LEU A 299 -19.84 2.95 2.54
CA LEU A 299 -18.99 1.86 2.00
C LEU A 299 -18.47 2.14 0.59
N GLN A 300 -19.33 2.74 -0.24
CA GLN A 300 -18.93 3.23 -1.52
C GLN A 300 -17.81 4.23 -1.46
N LYS A 301 -17.87 5.09 -0.46
CA LYS A 301 -16.93 6.14 -0.37
C LYS A 301 -15.57 5.54 0.05
N VAL A 302 -15.54 4.54 0.92
CA VAL A 302 -14.24 3.83 1.26
C VAL A 302 -13.63 3.22 0.01
N VAL A 303 -14.45 2.51 -0.77
CA VAL A 303 -14.01 1.82 -1.96
C VAL A 303 -13.53 2.83 -3.01
N ALA A 304 -14.29 3.91 -3.23
CA ALA A 304 -13.85 4.99 -4.08
C ALA A 304 -12.50 5.56 -3.68
N GLU A 305 -12.23 5.80 -2.39
CA GLU A 305 -10.93 6.35 -1.96
C GLU A 305 -9.76 5.39 -2.21
N ARG A 306 -9.96 4.08 -2.05
CA ARG A 306 -8.89 3.14 -2.31
C ARG A 306 -8.67 3.13 -3.81
N LYS A 307 -9.75 3.21 -4.55
CA LYS A 307 -9.59 3.24 -5.99
C LYS A 307 -8.70 4.44 -6.50
N GLN A 308 -9.00 5.65 -6.00
CA GLN A 308 -8.25 6.86 -6.35
C GLN A 308 -6.78 6.80 -5.82
N SER A 309 -6.54 6.25 -4.62
CA SER A 309 -5.14 6.09 -4.13
C SER A 309 -4.31 5.20 -5.04
N ILE A 310 -4.89 4.05 -5.40
CA ILE A 310 -4.25 3.12 -6.30
C ILE A 310 -4.09 3.74 -7.68
N ASN A 311 -5.13 4.35 -8.21
CA ASN A 311 -4.99 5.02 -9.52
C ASN A 311 -3.90 6.09 -9.53
N ASP A 312 -3.80 6.90 -8.47
CA ASP A 312 -2.77 7.97 -8.46
C ASP A 312 -1.36 7.34 -8.46
N LEU A 313 -1.19 6.30 -7.69
CA LEU A 313 0.12 5.71 -7.60
C LEU A 313 0.45 4.93 -8.91
N LYS A 314 -0.54 4.34 -9.52
CA LYS A 314 -0.33 3.56 -10.72
C LYS A 314 0.11 4.44 -11.92
N ILE A 315 -0.44 5.65 -12.02
CA ILE A 315 -0.01 6.62 -13.04
C ILE A 315 1.42 7.01 -12.87
N LYS A 316 1.84 7.22 -11.63
CA LYS A 316 3.24 7.61 -11.32
C LYS A 316 4.18 6.47 -11.73
N VAL A 317 3.80 5.20 -11.49
CA VAL A 317 4.63 4.07 -11.92
C VAL A 317 4.58 3.95 -13.42
N GLU A 318 3.42 4.14 -14.05
CA GLU A 318 3.42 4.13 -15.53
C GLU A 318 4.27 5.22 -16.20
N ASP A 319 4.23 6.42 -15.67
CA ASP A 319 5.05 7.49 -16.24
C ASP A 319 6.53 7.10 -16.16
N GLN A 320 6.97 6.47 -15.05
CA GLN A 320 8.39 6.09 -14.91
C GLN A 320 8.80 5.08 -16.01
N LEU A 321 7.89 4.11 -16.20
CA LEU A 321 7.98 3.04 -17.19
C LEU A 321 7.97 3.53 -18.65
N VAL A 322 7.12 4.51 -18.98
CA VAL A 322 7.06 5.14 -20.29
C VAL A 322 8.42 5.78 -20.55
N HIS A 323 8.94 6.55 -19.59
CA HIS A 323 10.29 7.07 -19.70
C HIS A 323 11.34 5.98 -19.83
N ALA A 324 11.30 4.93 -19.00
CA ALA A 324 12.27 3.83 -19.11
C ALA A 324 12.26 3.22 -20.50
N HIS A 325 11.08 2.94 -21.07
CA HIS A 325 11.08 2.31 -22.44
C HIS A 325 11.69 3.27 -23.50
N PHE A 326 11.31 4.55 -23.46
CA PHE A 326 11.86 5.51 -24.42
C PHE A 326 13.37 5.78 -24.19
N GLU A 327 13.85 5.72 -22.94
CA GLU A 327 15.28 5.85 -22.64
C GLU A 327 16.07 4.67 -23.14
N ALA A 328 15.49 3.45 -23.07
CA ALA A 328 16.13 2.26 -23.57
C ALA A 328 16.23 2.31 -25.08
N LYS A 329 15.18 2.80 -25.72
CA LYS A 329 15.20 2.94 -27.16
C LYS A 329 16.29 3.94 -27.58
N ALA A 330 16.44 5.07 -26.88
CA ALA A 330 17.52 5.98 -27.22
C ALA A 330 18.86 5.34 -26.92
N ALA A 331 18.99 4.51 -25.88
CA ALA A 331 20.26 3.81 -25.62
C ALA A 331 20.58 2.90 -26.80
N LEU A 332 19.58 2.11 -27.25
CA LEU A 332 19.75 1.21 -28.39
C LEU A 332 20.20 1.96 -29.66
N ASP A 333 19.54 3.09 -30.01
CA ASP A 333 19.86 3.92 -31.23
C ASP A 333 21.24 4.55 -31.10
N ALA A 334 21.75 4.71 -29.88
CA ALA A 334 23.07 5.26 -29.64
C ALA A 334 24.13 4.17 -29.73
N GLY A 335 23.73 2.91 -30.01
CA GLY A 335 24.64 1.74 -30.14
C GLY A 335 24.85 0.84 -28.91
N ALA A 336 24.00 0.92 -27.89
CA ALA A 336 24.11 -0.04 -26.78
C ALA A 336 24.08 -1.52 -27.29
N THR A 337 25.01 -2.33 -26.82
CA THR A 337 25.09 -3.76 -27.19
C THR A 337 24.06 -4.57 -26.33
N GLU A 338 23.83 -5.82 -26.67
CA GLU A 338 22.95 -6.67 -25.85
C GLU A 338 23.40 -6.82 -24.40
N ALA A 339 24.70 -7.00 -24.22
CA ALA A 339 25.28 -7.06 -22.91
C ALA A 339 25.13 -5.75 -22.10
N GLU A 340 25.18 -4.61 -22.75
CA GLU A 340 24.91 -3.37 -22.01
C GLU A 340 23.46 -3.21 -21.62
N MET A 341 22.55 -3.63 -22.48
CA MET A 341 21.12 -3.53 -22.19
C MET A 341 20.57 -4.54 -21.17
N LYS A 342 21.22 -5.69 -20.99
CA LYS A 342 20.60 -6.83 -20.24
C LYS A 342 20.19 -6.43 -18.81
N PRO A 343 21.13 -5.88 -18.02
CA PRO A 343 20.70 -5.49 -16.67
C PRO A 343 19.54 -4.47 -16.67
N ILE A 344 19.46 -3.61 -17.67
CA ILE A 344 18.40 -2.62 -17.74
C ILE A 344 17.06 -3.29 -18.08
N GLN A 345 17.12 -4.29 -18.98
CA GLN A 345 15.94 -4.96 -19.44
C GLN A 345 15.40 -5.85 -18.34
N ASP A 346 16.29 -6.44 -17.53
CA ASP A 346 15.87 -7.16 -16.31
C ASP A 346 15.04 -6.29 -15.37
N ASP A 347 15.51 -5.08 -15.12
CA ASP A 347 14.81 -4.19 -14.24
C ASP A 347 13.48 -3.78 -14.84
N ILE A 348 13.44 -3.48 -16.14
CA ILE A 348 12.15 -3.00 -16.77
C ILE A 348 11.10 -4.17 -16.73
N ARG A 349 11.55 -5.36 -17.09
CA ARG A 349 10.69 -6.55 -17.05
C ARG A 349 10.09 -6.75 -15.67
N HIS A 350 10.92 -6.69 -14.63
CA HIS A 350 10.46 -6.93 -13.26
C HIS A 350 9.57 -5.75 -12.80
N ALA A 351 10.01 -4.48 -13.06
CA ALA A 351 9.17 -3.30 -12.84
C ALA A 351 7.78 -3.48 -13.45
N GLN A 352 7.69 -3.77 -14.74
CA GLN A 352 6.42 -3.78 -15.36
C GLN A 352 5.59 -4.95 -14.96
N TRP A 353 6.25 -6.04 -14.59
CA TRP A 353 5.53 -7.25 -14.22
C TRP A 353 4.85 -6.91 -12.94
N ARG A 354 5.55 -6.19 -12.05
CA ARG A 354 4.88 -5.93 -10.73
C ARG A 354 3.73 -4.93 -10.82
N TRP A 355 3.91 -3.93 -11.70
CA TRP A 355 2.86 -2.96 -11.93
C TRP A 355 1.66 -3.64 -12.59
N ASP A 356 1.92 -4.43 -13.61
CA ASP A 356 0.84 -5.05 -14.39
C ASP A 356 -0.03 -5.98 -13.52
N LEU A 357 0.64 -6.85 -12.78
CA LEU A 357 -0.08 -7.71 -11.89
C LEU A 357 -0.83 -6.88 -10.85
N ALA A 358 -0.28 -5.74 -10.43
CA ALA A 358 -0.88 -4.99 -9.36
C ALA A 358 -2.22 -4.43 -9.80
N ILE A 359 -2.39 -4.13 -11.07
CA ILE A 359 -3.60 -3.38 -11.52
C ILE A 359 -4.30 -4.00 -12.74
N ALA A 360 -3.83 -5.17 -13.16
CA ALA A 360 -4.56 -5.94 -14.16
C ALA A 360 -5.94 -6.34 -13.58
N SER A 361 -6.13 -6.37 -12.28
CA SER A 361 -7.50 -6.64 -11.85
C SER A 361 -8.23 -5.35 -11.61
N HIS A 362 -9.37 -5.18 -12.25
CA HIS A 362 -10.06 -3.95 -12.02
C HIS A 362 -10.70 -3.92 -10.66
N GLY A 363 -10.68 -5.04 -9.91
CA GLY A 363 -11.28 -5.04 -8.54
C GLY A 363 -10.28 -4.91 -7.43
N ILE A 364 -8.99 -4.67 -7.75
CA ILE A 364 -7.93 -4.76 -6.75
C ILE A 364 -8.17 -3.79 -5.58
N HIS A 365 -8.70 -2.58 -5.83
CA HIS A 365 -8.89 -1.57 -4.75
C HIS A 365 -9.97 -2.04 -3.75
N MET A 366 -10.81 -2.95 -4.18
CA MET A 366 -11.80 -3.59 -3.32
C MET A 366 -11.31 -4.94 -2.74
N HIS A 367 -10.81 -5.87 -3.59
CA HIS A 367 -10.42 -7.25 -3.09
C HIS A 367 -9.18 -7.31 -2.20
N ALA A 368 -8.11 -6.55 -2.55
CA ALA A 368 -6.88 -6.51 -1.71
C ALA A 368 -6.08 -5.20 -1.98
N PRO A 369 -6.63 -4.03 -1.51
CA PRO A 369 -6.06 -2.71 -1.87
C PRO A 369 -4.61 -2.55 -1.34
N GLU A 370 -4.36 -3.08 -0.15
CA GLU A 370 -3.00 -3.07 0.42
C GLU A 370 -2.03 -3.85 -0.38
N GLU A 371 -2.48 -4.98 -0.94
CA GLU A 371 -1.61 -5.78 -1.74
C GLU A 371 -1.32 -5.05 -3.07
N GLY A 372 -2.33 -4.46 -3.72
CA GLY A 372 -2.06 -3.66 -4.94
C GLY A 372 -1.08 -2.50 -4.64
N LEU A 373 -1.28 -1.77 -3.54
CA LEU A 373 -0.39 -0.66 -3.18
C LEU A 373 1.07 -1.16 -2.90
N ARG A 374 1.21 -2.26 -2.16
CA ARG A 374 2.51 -2.91 -1.94
C ARG A 374 3.22 -3.24 -3.26
N MET A 375 2.50 -3.86 -4.17
CA MET A 375 3.06 -4.31 -5.47
C MET A 375 3.54 -3.10 -6.30
N LEU A 376 2.73 -2.04 -6.37
CA LEU A 376 3.14 -0.79 -7.05
C LEU A 376 4.43 -0.18 -6.47
N GLY A 377 4.55 -0.15 -5.14
CA GLY A 377 5.80 0.29 -4.49
C GLY A 377 6.97 -0.55 -4.92
N THR A 378 6.83 -1.90 -4.95
CA THR A 378 7.98 -2.72 -5.42
C THR A 378 8.21 -2.54 -6.92
N ALA A 379 7.14 -2.29 -7.71
CA ALA A 379 7.40 -1.89 -9.10
C ALA A 379 8.27 -0.65 -9.21
N MET A 380 7.93 0.36 -8.43
CA MET A 380 8.55 1.66 -8.59
C MET A 380 10.08 1.55 -8.22
N ASP A 381 10.41 0.63 -7.34
CA ASP A 381 11.81 0.39 -6.94
C ASP A 381 12.66 -0.15 -8.11
N LYS A 382 12.09 -1.06 -8.90
CA LYS A 382 12.82 -1.55 -10.05
C LYS A 382 12.86 -0.53 -11.20
N ALA A 383 11.80 0.25 -11.37
CA ALA A 383 11.80 1.27 -12.44
C ALA A 383 12.90 2.29 -12.19
N ALA A 384 13.09 2.63 -10.93
CA ALA A 384 14.15 3.53 -10.49
C ALA A 384 15.50 2.97 -10.82
N ASP A 385 15.69 1.67 -10.56
CA ASP A 385 16.93 1.01 -10.97
C ASP A 385 17.12 1.09 -12.48
N ALA A 386 16.06 0.79 -13.26
CA ALA A 386 16.15 0.82 -14.72
C ALA A 386 16.59 2.23 -15.20
N ARG A 387 15.98 3.29 -14.70
CA ARG A 387 16.23 4.65 -15.21
C ARG A 387 17.60 5.22 -14.76
N THR A 388 18.08 4.82 -13.59
CA THR A 388 19.42 5.22 -13.10
C THR A 388 20.50 4.51 -13.89
N LYS A 389 20.38 3.17 -14.05
CA LYS A 389 21.24 2.45 -14.99
C LYS A 389 21.26 3.06 -16.37
N LEU A 390 20.07 3.41 -16.89
CA LEU A 390 19.94 3.95 -18.25
C LEU A 390 20.62 5.32 -18.37
N ALA A 391 20.50 6.20 -17.37
CA ALA A 391 21.15 7.48 -17.48
C ALA A 391 22.66 7.31 -17.51
N ARG A 392 23.21 6.34 -16.74
CA ARG A 392 24.67 6.07 -16.76
C ARG A 392 25.08 5.51 -18.14
N LEU A 393 24.26 4.59 -18.65
CA LEU A 393 24.52 4.00 -19.99
C LEU A 393 24.46 5.04 -21.06
N LEU A 394 23.41 5.84 -21.12
CA LEU A 394 23.37 6.89 -22.16
C LEU A 394 24.61 7.82 -22.10
N ALA A 395 25.02 8.18 -20.88
CA ALA A 395 26.25 8.97 -20.61
C ALA A 395 27.49 8.34 -21.27
N THR A 396 27.72 7.03 -21.17
CA THR A 396 28.93 6.43 -21.75
C THR A 396 28.84 6.57 -23.28
N LYS A 397 27.62 6.77 -23.77
CA LYS A 397 27.39 6.98 -25.21
C LYS A 397 27.44 8.44 -25.54
N GLY A 398 27.80 9.31 -24.57
CA GLY A 398 27.87 10.76 -24.80
C GLY A 398 26.52 11.50 -24.70
N ILE A 399 25.44 10.91 -24.18
CA ILE A 399 24.20 11.66 -24.06
C ILE A 399 23.96 11.93 -22.57
N THR A 400 23.77 13.19 -22.19
CA THR A 400 23.63 13.52 -20.80
C THR A 400 22.45 14.44 -20.58
N HIS A 401 21.67 14.69 -21.61
CA HIS A 401 20.39 15.37 -21.40
C HIS A 401 19.19 14.40 -21.16
N GLU A 402 18.09 14.98 -20.73
CA GLU A 402 16.85 14.24 -20.56
C GLU A 402 16.29 13.75 -21.91
N ILE A 403 15.99 12.45 -22.03
CA ILE A 403 15.38 11.93 -23.25
C ILE A 403 13.92 12.45 -23.41
N GLN A 404 13.66 13.10 -24.54
CA GLN A 404 12.34 13.65 -24.82
C GLN A 404 11.43 12.56 -25.36
N ILE A 405 10.21 12.52 -24.85
CA ILE A 405 9.17 11.55 -25.19
CA ILE A 405 9.23 11.53 -25.27
C ILE A 405 8.28 12.10 -26.32
N PRO A 406 7.90 11.26 -27.33
CA PRO A 406 6.92 11.84 -28.29
C PRO A 406 5.58 12.18 -27.59
N ASP A 407 4.72 12.88 -28.30
CA ASP A 407 3.41 13.23 -27.79
C ASP A 407 2.56 11.92 -27.64
N ILE A 408 2.18 11.56 -26.42
CA ILE A 408 1.39 10.35 -26.26
C ILE A 408 0.11 10.73 -25.55
N SER A 409 -0.37 11.96 -25.80
CA SER A 409 -1.44 12.50 -25.00
C SER A 409 -2.73 11.83 -25.38
N THR A 410 -2.80 11.20 -26.53
CA THR A 410 -4.05 10.43 -26.79
C THR A 410 -3.73 9.03 -27.29
N LYS A 411 -4.73 8.18 -27.22
CA LYS A 411 -4.63 6.79 -27.77
C LYS A 411 -4.10 6.72 -29.20
N GLU A 412 -4.80 7.36 -30.14
CA GLU A 412 -4.37 7.50 -31.52
C GLU A 412 -2.92 8.02 -31.68
N LYS A 413 -2.52 9.05 -30.94
CA LYS A 413 -1.11 9.52 -31.08
C LYS A 413 -0.18 8.45 -30.50
N ALA A 414 -0.52 7.88 -29.33
CA ALA A 414 0.42 6.89 -28.77
C ALA A 414 0.56 5.74 -29.77
N GLN A 415 -0.54 5.32 -30.39
CA GLN A 415 -0.52 4.18 -31.33
C GLN A 415 0.31 4.49 -32.61
N GLN A 416 0.16 5.69 -33.22
CA GLN A 416 1.10 6.04 -34.34
C GLN A 416 2.57 6.12 -33.95
N ALA A 417 2.84 6.63 -32.75
CA ALA A 417 4.22 6.74 -32.27
C ALA A 417 4.93 5.40 -32.13
N ILE A 418 4.18 4.31 -31.89
CA ILE A 418 4.85 2.98 -31.75
C ILE A 418 4.72 2.27 -33.12
N GLY A 419 4.18 2.95 -34.13
CA GLY A 419 4.26 2.42 -35.46
C GLY A 419 3.05 1.58 -35.83
N LEU A 420 1.88 1.74 -35.19
CA LEU A 420 0.73 0.91 -35.58
C LEU A 420 -0.02 1.65 -36.66
N ASN A 421 -0.43 0.93 -37.68
CA ASN A 421 -1.25 1.54 -38.75
C ASN A 421 -2.71 1.27 -38.42
N MET A 422 -3.30 2.14 -37.62
CA MET A 422 -4.54 1.82 -37.02
C MET A 422 -5.70 1.80 -38.02
N GLU A 423 -5.64 2.74 -38.97
CA GLU A 423 -6.66 2.85 -40.04
C GLU A 423 -6.88 1.48 -40.70
N GLN A 424 -5.78 0.88 -41.18
CA GLN A 424 -5.78 -0.41 -41.87
C GLN A 424 -6.14 -1.57 -40.90
N ILE A 425 -5.63 -1.54 -39.66
CA ILE A 425 -6.00 -2.54 -38.64
C ILE A 425 -7.50 -2.58 -38.36
N LYS A 426 -8.09 -1.41 -38.18
CA LYS A 426 -9.54 -1.32 -37.98
C LYS A 426 -10.39 -1.71 -39.17
N ALA A 427 -9.99 -1.28 -40.39
CA ALA A 427 -10.70 -1.65 -41.60
C ALA A 427 -10.70 -3.17 -41.84
N GLU A 428 -9.56 -3.87 -41.68
CA GLU A 428 -9.53 -5.35 -41.82
C GLU A 428 -10.40 -6.03 -40.76
N LYS A 429 -10.35 -5.56 -39.52
CA LYS A 429 -11.29 -6.06 -38.50
C LYS A 429 -12.77 -5.89 -38.87
N GLN A 430 -13.11 -4.72 -39.37
CA GLN A 430 -14.49 -4.42 -39.73
C GLN A 430 -14.96 -5.36 -40.78
N ASP A 431 -14.09 -5.65 -41.71
CA ASP A 431 -14.48 -6.56 -42.77
C ASP A 431 -14.62 -8.04 -42.22
N PHE A 432 -13.67 -8.44 -41.36
CA PHE A 432 -13.81 -9.71 -40.69
C PHE A 432 -15.14 -9.90 -39.86
N ILE A 433 -15.55 -8.90 -39.07
CA ILE A 433 -16.79 -8.96 -38.25
C ILE A 433 -18.03 -9.08 -39.13
N LYS A 434 -18.10 -8.21 -40.12
CA LYS A 434 -19.11 -8.22 -41.21
C LYS A 434 -19.18 -9.54 -42.01
N THR A 435 -18.06 -10.08 -42.44
CA THR A 435 -18.17 -11.22 -43.33
C THR A 435 -17.96 -12.63 -42.75
N VAL A 436 -17.02 -12.79 -41.79
CA VAL A 436 -16.62 -14.12 -41.33
C VAL A 436 -17.55 -14.62 -40.25
N ILE A 437 -17.87 -13.76 -39.29
CA ILE A 437 -18.76 -14.11 -38.20
C ILE A 437 -20.12 -14.74 -38.63
N PRO A 438 -20.85 -14.15 -39.63
CA PRO A 438 -22.07 -14.83 -40.03
C PRO A 438 -21.77 -16.24 -40.62
N GLN A 439 -20.63 -16.44 -41.26
CA GLN A 439 -20.26 -17.76 -41.79
C GLN A 439 -20.09 -18.77 -40.69
N TRP A 440 -19.40 -18.36 -39.63
CA TRP A 440 -19.21 -19.18 -38.46
C TRP A 440 -20.53 -19.53 -37.83
N GLU A 441 -21.37 -18.54 -37.63
CA GLU A 441 -22.72 -18.85 -37.07
C GLU A 441 -23.60 -19.75 -37.93
N GLU A 442 -23.59 -19.55 -39.23
CA GLU A 442 -24.28 -20.40 -40.22
CA GLU A 442 -24.37 -20.43 -40.13
C GLU A 442 -23.80 -21.86 -40.08
N GLN A 443 -22.48 -22.03 -40.01
CA GLN A 443 -21.91 -23.40 -39.86
C GLN A 443 -22.30 -24.03 -38.53
N ALA A 444 -22.21 -23.27 -37.44
CA ALA A 444 -22.62 -23.81 -36.11
C ALA A 444 -24.08 -24.21 -36.03
N ARG A 445 -24.94 -23.40 -36.60
CA ARG A 445 -26.39 -23.72 -36.61
C ARG A 445 -26.60 -24.99 -37.42
N LYS A 446 -25.98 -25.06 -38.60
CA LYS A 446 -26.06 -26.26 -39.43
C LYS A 446 -25.69 -27.53 -38.67
N ASN A 447 -24.62 -27.46 -37.87
CA ASN A 447 -24.15 -28.58 -37.08
C ASN A 447 -24.88 -28.81 -35.78
N GLY A 448 -25.97 -28.10 -35.51
CA GLY A 448 -26.69 -28.26 -34.20
C GLY A 448 -25.92 -27.67 -32.99
N LEU A 449 -24.93 -26.82 -33.21
CA LEU A 449 -24.15 -26.32 -32.08
C LEU A 449 -24.77 -25.03 -31.49
N LEU A 450 -25.65 -24.42 -32.24
CA LEU A 450 -26.22 -23.15 -31.90
C LEU A 450 -27.65 -23.15 -32.36
N SER A 451 -28.55 -22.75 -31.48
CA SER A 451 -29.98 -22.56 -31.76
C SER A 451 -30.33 -21.99 -33.15
N THR B 11 -3.00 25.79 40.32
CA THR B 11 -3.93 24.65 40.55
C THR B 11 -3.44 23.33 39.98
N VAL B 12 -2.61 23.33 38.92
CA VAL B 12 -2.16 22.04 38.31
C VAL B 12 -1.38 21.15 39.33
N GLU B 13 -1.72 19.87 39.45
CA GLU B 13 -1.02 18.99 40.38
C GLU B 13 -0.16 17.91 39.67
N ALA B 14 1.16 18.16 39.65
CA ALA B 14 2.11 17.32 38.92
C ALA B 14 2.52 16.08 39.69
N LYS B 15 2.29 16.08 41.00
CA LYS B 15 2.75 14.99 41.84
C LYS B 15 1.65 13.94 41.82
N ASN B 16 1.83 13.00 40.87
CA ASN B 16 0.88 11.96 40.55
C ASN B 16 0.42 11.17 41.79
N GLU B 17 1.35 10.88 42.69
CA GLU B 17 1.08 10.05 43.89
C GLU B 17 0.03 10.71 44.81
N THR B 18 -0.08 12.03 44.75
CA THR B 18 -1.18 12.76 45.32
C THR B 18 -2.51 12.04 45.11
N PHE B 19 -2.69 11.39 43.96
CA PHE B 19 -3.99 10.85 43.61
C PHE B 19 -4.14 9.39 43.94
N ALA B 20 -3.06 8.76 44.41
CA ALA B 20 -3.15 7.30 44.74
C ALA B 20 -4.20 6.90 45.75
N PRO B 21 -4.27 7.59 46.92
CA PRO B 21 -5.33 7.22 47.91
C PRO B 21 -6.70 7.29 47.22
N GLN B 22 -7.02 8.41 46.58
CA GLN B 22 -8.36 8.55 45.97
C GLN B 22 -8.65 7.59 44.79
N HIS B 23 -7.63 7.25 43.97
CA HIS B 23 -7.91 6.51 42.74
C HIS B 23 -7.02 5.32 42.56
N PRO B 24 -7.11 4.35 43.49
CA PRO B 24 -6.17 3.20 43.44
C PRO B 24 -6.17 2.38 42.13
N ASP B 25 -7.34 2.10 41.56
CA ASP B 25 -7.38 1.31 40.31
C ASP B 25 -6.63 1.95 39.12
N GLN B 26 -6.88 3.24 38.91
CA GLN B 26 -6.23 4.02 37.86
C GLN B 26 -4.77 4.26 38.23
N TYR B 27 -4.46 4.66 39.47
CA TYR B 27 -3.05 4.93 39.86
C TYR B 27 -2.24 3.66 39.65
N LEU B 28 -2.72 2.53 40.12
CA LEU B 28 -1.91 1.28 40.08
C LEU B 28 -1.61 0.76 38.66
N SER B 29 -2.64 0.72 37.80
CA SER B 29 -2.52 0.39 36.38
C SER B 29 -1.63 1.44 35.64
N TRP B 30 -1.80 2.74 35.95
CA TRP B 30 -0.94 3.81 35.36
C TRP B 30 0.53 3.53 35.65
N LYS B 31 0.77 3.12 36.90
CA LYS B 31 2.15 3.01 37.37
C LYS B 31 2.77 1.79 36.70
N ALA B 32 1.95 0.79 36.42
CA ALA B 32 2.39 -0.45 35.80
C ALA B 32 2.96 -0.27 34.37
N THR B 33 2.90 0.94 33.80
CA THR B 33 3.64 1.16 32.54
C THR B 33 5.15 0.99 32.73
N SER B 34 5.60 1.06 33.97
CA SER B 34 7.01 0.86 34.25
C SER B 34 7.41 -0.61 33.93
N GLU B 35 6.45 -1.51 33.76
CA GLU B 35 6.79 -2.89 33.36
C GLU B 35 7.18 -3.02 31.88
N GLN B 36 6.78 -2.04 31.06
CA GLN B 36 7.17 -2.01 29.60
C GLN B 36 8.53 -1.31 29.46
N SER B 37 9.58 -2.00 29.88
CA SER B 37 10.88 -1.37 30.16
C SER B 37 11.95 -1.65 29.10
N GLU B 38 11.66 -2.51 28.16
CA GLU B 38 12.63 -2.75 27.13
C GLU B 38 12.89 -1.52 26.23
N ARG B 39 14.14 -1.07 26.15
CA ARG B 39 14.52 0.04 25.31
C ARG B 39 15.27 -0.46 24.08
N VAL B 40 14.57 -0.59 22.94
CA VAL B 40 15.11 -1.21 21.74
C VAL B 40 15.78 -0.16 20.83
N ASP B 41 17.03 -0.43 20.44
CA ASP B 41 17.86 0.53 19.69
C ASP B 41 17.48 0.42 18.21
N ALA B 42 16.71 1.38 17.67
CA ALA B 42 16.25 1.32 16.26
C ALA B 42 17.39 1.57 15.26
N LEU B 43 18.34 2.40 15.62
CA LEU B 43 19.54 2.57 14.77
C LEU B 43 20.26 1.25 14.62
N ALA B 44 20.36 0.43 15.68
CA ALA B 44 21.20 -0.78 15.55
C ALA B 44 20.45 -1.72 14.59
N GLU B 45 19.15 -1.75 14.68
CA GLU B 45 18.32 -2.62 13.80
C GLU B 45 18.35 -2.11 12.37
N ASP B 46 18.46 -0.79 12.21
CA ASP B 46 18.43 -0.20 10.88
C ASP B 46 19.48 0.94 10.65
N PRO B 47 20.74 0.62 10.31
CA PRO B 47 21.75 1.65 10.22
C PRO B 47 21.51 2.66 9.09
N ARG B 48 20.67 2.35 8.08
CA ARG B 48 20.38 3.35 7.01
C ARG B 48 19.85 4.66 7.62
N LEU B 49 19.20 4.59 8.78
CA LEU B 49 18.61 5.77 9.39
C LEU B 49 19.71 6.77 9.70
N VAL B 50 20.92 6.28 9.99
CA VAL B 50 22.00 7.18 10.44
C VAL B 50 22.37 8.13 9.22
N ILE B 51 22.42 7.57 8.01
CA ILE B 51 22.62 8.33 6.79
C ILE B 51 21.44 9.28 6.50
N LEU B 52 20.21 8.78 6.57
CA LEU B 52 19.10 9.67 6.12
C LEU B 52 19.00 10.85 7.05
N TRP B 53 19.37 10.65 8.31
CA TRP B 53 19.26 11.73 9.31
C TRP B 53 20.63 12.37 9.67
N ALA B 54 21.61 12.17 8.81
CA ALA B 54 22.99 12.73 9.00
C ALA B 54 22.96 14.24 9.21
N GLY B 55 23.54 14.71 10.30
CA GLY B 55 23.54 16.16 10.63
C GLY B 55 22.45 16.51 11.62
N TYR B 56 21.67 15.50 12.02
CA TYR B 56 20.50 15.70 12.91
C TYR B 56 20.64 14.83 14.14
N PRO B 57 20.04 15.23 15.28
CA PRO B 57 20.30 14.44 16.46
C PRO B 57 19.83 12.96 16.39
N PHE B 58 18.82 12.64 15.55
CA PHE B 58 18.36 11.24 15.47
C PHE B 58 19.45 10.29 14.90
N SER B 59 20.46 10.82 14.25
CA SER B 59 21.52 9.98 13.70
C SER B 59 22.47 9.56 14.83
N ARG B 60 22.34 10.19 16.00
CA ARG B 60 23.09 9.79 17.24
C ARG B 60 22.44 8.66 18.10
N ASP B 61 21.11 8.73 18.26
CA ASP B 61 20.38 7.91 19.23
C ASP B 61 18.90 7.93 18.87
N TYR B 62 18.31 6.74 18.66
CA TYR B 62 16.87 6.64 18.39
C TYR B 62 16.41 5.25 18.84
N ASN B 63 15.57 5.19 19.86
CA ASN B 63 15.01 3.91 20.29
C ASN B 63 13.53 3.84 20.02
N LYS B 64 13.01 2.63 20.02
CA LYS B 64 11.60 2.43 19.94
C LYS B 64 11.01 2.93 21.24
N PRO B 65 9.75 3.33 21.21
CA PRO B 65 9.11 3.81 22.41
C PRO B 65 8.91 2.69 23.41
N ARG B 66 8.91 3.08 24.67
CA ARG B 66 8.54 2.16 25.74
C ARG B 66 7.53 2.83 26.66
N GLY B 67 7.30 2.28 27.86
CA GLY B 67 6.17 2.77 28.69
C GLY B 67 6.24 4.26 29.01
N HIS B 68 5.06 4.88 29.16
CA HIS B 68 4.96 6.27 29.62
C HIS B 68 5.81 6.56 30.85
N ALA B 69 5.93 5.56 31.74
CA ALA B 69 6.74 5.70 32.96
C ALA B 69 8.19 6.17 32.65
N PHE B 70 8.68 5.87 31.46
CA PHE B 70 10.04 6.20 31.13
C PHE B 70 10.24 7.50 30.39
N ALA B 71 9.16 8.22 30.15
CA ALA B 71 9.30 9.39 29.30
C ALA B 71 10.38 10.31 29.79
N VAL B 72 10.26 10.74 31.05
CA VAL B 72 11.18 11.73 31.58
C VAL B 72 12.61 11.15 31.59
N THR B 73 12.73 9.87 31.94
CA THR B 73 14.05 9.16 31.91
C THR B 73 14.68 9.17 30.48
N ASP B 74 13.84 8.89 29.50
CA ASP B 74 14.37 8.64 28.18
C ASP B 74 14.78 9.97 27.53
N VAL B 75 14.05 11.01 27.90
CA VAL B 75 14.45 12.39 27.40
C VAL B 75 15.72 12.92 28.07
N ARG B 76 15.92 12.54 29.33
CA ARG B 76 17.16 12.91 30.01
C ARG B 76 18.33 12.08 29.52
N GLU B 77 18.10 10.80 29.18
CA GLU B 77 19.19 9.90 28.85
C GLU B 77 19.59 9.86 27.35
N THR B 78 18.79 10.47 26.51
CA THR B 78 19.02 10.29 25.11
C THR B 78 20.21 11.10 24.70
N LEU B 79 21.08 10.51 23.87
CA LEU B 79 22.16 11.31 23.28
C LEU B 79 21.62 12.54 22.61
N ARG B 80 20.35 12.51 22.19
CA ARG B 80 19.88 13.69 21.42
C ARG B 80 19.94 14.97 22.23
N THR B 81 19.73 14.87 23.55
CA THR B 81 19.71 16.09 24.38
C THR B 81 21.08 16.52 24.82
N GLY B 82 22.09 15.72 24.49
CA GLY B 82 23.49 16.16 24.78
C GLY B 82 23.75 16.19 26.28
N ALA B 83 24.76 16.98 26.67
CA ALA B 83 25.25 16.98 28.08
C ALA B 83 25.45 18.42 28.57
N PRO B 84 24.33 19.20 28.69
CA PRO B 84 24.51 20.61 29.02
C PRO B 84 25.18 20.75 30.40
N LYS B 85 26.09 21.70 30.49
CA LYS B 85 26.75 22.02 31.74
C LYS B 85 25.87 22.95 32.58
N ASN B 86 25.11 23.84 31.96
CA ASN B 86 24.24 24.72 32.75
C ASN B 86 22.93 25.08 32.01
N ALA B 87 22.12 25.94 32.62
CA ALA B 87 20.81 26.31 32.12
C ALA B 87 20.71 26.92 30.74
N GLU B 88 21.78 27.54 30.23
CA GLU B 88 21.76 28.08 28.84
C GLU B 88 22.56 27.22 27.82
N ASP B 89 22.96 26.05 28.26
CA ASP B 89 23.73 25.12 27.49
C ASP B 89 22.87 24.05 26.74
N GLY B 90 23.55 23.30 25.85
CA GLY B 90 23.03 22.07 25.22
C GLY B 90 22.45 22.35 23.86
N PRO B 91 22.25 21.31 23.06
CA PRO B 91 21.76 21.62 21.74
C PRO B 91 20.23 21.88 21.67
N LEU B 92 19.41 21.36 22.60
CA LEU B 92 17.93 21.39 22.39
C LEU B 92 17.18 22.42 23.25
N PRO B 93 16.02 22.88 22.77
CA PRO B 93 15.24 23.93 23.42
C PRO B 93 14.24 23.34 24.46
N MET B 94 13.57 24.19 25.24
CA MET B 94 12.61 23.74 26.28
C MET B 94 11.51 22.86 25.69
N ALA B 95 11.13 23.11 24.44
CA ALA B 95 10.05 22.33 23.88
C ALA B 95 10.21 20.83 23.93
N CYS B 96 11.44 20.31 24.06
CA CYS B 96 11.61 18.85 24.22
C CYS B 96 10.98 18.29 25.48
N TRP B 97 10.71 19.14 26.46
CA TRP B 97 10.05 18.61 27.68
C TRP B 97 8.56 18.32 27.40
N SER B 98 7.98 19.03 26.42
CA SER B 98 6.55 19.24 26.30
C SER B 98 5.67 18.02 26.41
N CYS B 99 6.17 16.90 25.95
CA CYS B 99 5.25 15.75 25.83
C CYS B 99 5.73 14.68 26.77
N LYS B 100 6.35 15.07 27.88
CA LYS B 100 6.99 14.05 28.70
C LYS B 100 6.48 14.01 30.13
N SER B 101 5.86 15.09 30.58
CA SER B 101 5.60 15.27 31.99
C SER B 101 4.50 16.28 32.34
N PRO B 102 3.71 16.01 33.39
CA PRO B 102 2.66 17.00 33.87
C PRO B 102 3.25 18.31 34.42
N ASP B 103 4.54 18.33 34.72
CA ASP B 103 5.20 19.58 35.18
C ASP B 103 5.19 20.61 34.09
N VAL B 104 5.06 20.13 32.85
CA VAL B 104 4.86 21.03 31.70
C VAL B 104 3.57 21.82 31.83
N ALA B 105 2.48 21.16 32.22
CA ALA B 105 1.20 21.83 32.42
C ALA B 105 1.35 22.85 33.56
N ARG B 106 2.02 22.45 34.63
CA ARG B 106 2.35 23.33 35.80
C ARG B 106 3.12 24.54 35.34
N LEU B 107 4.19 24.36 34.54
CA LEU B 107 4.95 25.53 34.07
C LEU B 107 4.19 26.39 33.12
N ILE B 108 3.35 25.78 32.28
CA ILE B 108 2.58 26.60 31.33
C ILE B 108 1.59 27.49 32.08
N GLN B 109 0.94 26.91 33.09
CA GLN B 109 0.04 27.67 33.98
C GLN B 109 0.81 28.72 34.79
N LYS B 110 1.90 28.32 35.44
CA LYS B 110 2.69 29.24 36.24
C LYS B 110 3.38 30.38 35.46
N ASP B 111 3.94 30.11 34.28
CA ASP B 111 4.77 31.08 33.55
C ASP B 111 4.10 31.52 32.27
N GLY B 112 3.08 30.79 31.84
CA GLY B 112 2.44 31.04 30.56
C GLY B 112 3.20 30.25 29.49
N GLU B 113 2.58 30.12 28.32
CA GLU B 113 3.10 29.32 27.22
C GLU B 113 4.43 29.87 26.66
N ASP B 114 4.52 31.19 26.49
CA ASP B 114 5.77 31.86 26.05
C ASP B 114 6.93 31.63 26.99
N GLY B 115 6.68 31.83 28.28
CA GLY B 115 7.71 31.74 29.30
C GLY B 115 8.15 30.31 29.48
N TYR B 116 7.19 29.38 29.29
CA TYR B 116 7.55 27.99 29.35
C TYR B 116 8.51 27.67 28.20
N PHE B 117 8.19 28.06 26.97
CA PHE B 117 9.01 27.72 25.76
C PHE B 117 10.37 28.40 25.64
N HIS B 118 10.56 29.54 26.33
CA HIS B 118 11.80 30.32 26.20
C HIS B 118 13.04 29.56 26.76
N GLY B 119 14.12 29.56 26.00
CA GLY B 119 15.42 29.01 26.43
C GLY B 119 15.63 27.51 26.17
N LYS B 120 16.58 26.96 26.89
CA LYS B 120 17.06 25.64 26.61
C LYS B 120 16.38 24.56 27.44
N TRP B 121 16.36 23.37 26.87
CA TRP B 121 15.98 22.15 27.57
C TRP B 121 16.61 22.06 28.99
N ALA B 122 17.92 22.33 29.04
CA ALA B 122 18.69 22.34 30.30
C ALA B 122 18.01 23.17 31.38
N ARG B 123 17.46 24.31 31.02
CA ARG B 123 16.77 25.14 32.04
C ARG B 123 15.58 24.43 32.74
N GLY B 124 14.90 23.53 32.04
CA GLY B 124 13.80 22.83 32.69
C GLY B 124 14.24 21.66 33.52
N GLY B 125 15.52 21.33 33.48
CA GLY B 125 15.94 20.10 34.14
C GLY B 125 15.50 19.91 35.60
N PRO B 126 15.72 20.96 36.46
CA PRO B 126 15.27 20.92 37.89
C PRO B 126 13.75 21.22 38.12
N GLU B 127 12.99 21.38 37.04
CA GLU B 127 11.54 21.68 37.18
C GLU B 127 10.65 20.61 36.59
N ILE B 128 11.10 19.96 35.52
CA ILE B 128 10.32 18.92 34.84
C ILE B 128 10.71 17.54 35.39
N VAL B 129 10.04 17.10 36.45
CA VAL B 129 10.59 16.00 37.21
C VAL B 129 9.64 14.83 37.49
N ASN B 130 8.34 15.04 37.27
CA ASN B 130 7.36 14.00 37.57
C ASN B 130 6.99 13.28 36.30
N ASN B 131 6.77 11.96 36.38
CA ASN B 131 6.35 11.20 35.20
C ASN B 131 4.99 11.64 34.56
N LEU B 132 4.93 11.53 33.24
CA LEU B 132 3.69 11.59 32.49
C LEU B 132 2.54 11.01 33.28
N GLY B 133 1.56 11.84 33.53
CA GLY B 133 0.53 11.48 34.48
C GLY B 133 -0.75 12.30 34.43
N CYS B 134 -1.45 12.26 35.54
CA CYS B 134 -2.87 12.57 35.64
C CYS B 134 -3.26 13.88 35.02
N ALA B 135 -2.49 14.90 35.33
CA ALA B 135 -2.80 16.23 34.90
C ALA B 135 -2.51 16.42 33.43
N ASP B 136 -1.80 15.50 32.78
CA ASP B 136 -1.63 15.65 31.35
C ASP B 136 -2.90 15.40 30.58
N CYS B 137 -3.76 14.52 31.09
CA CYS B 137 -5.05 14.16 30.43
C CYS B 137 -6.34 14.56 31.14
N HIS B 138 -6.24 14.90 32.42
CA HIS B 138 -7.39 15.12 33.32
C HIS B 138 -7.49 16.53 33.86
N ASN B 139 -8.72 17.02 33.96
CA ASN B 139 -8.94 18.27 34.72
C ASN B 139 -9.02 17.90 36.22
N THR B 140 -7.88 17.64 36.86
CA THR B 140 -7.87 17.14 38.23
C THR B 140 -8.50 18.06 39.25
N ALA B 141 -8.40 19.37 39.04
CA ALA B 141 -9.05 20.38 39.88
C ALA B 141 -10.61 20.37 39.84
N SER B 142 -11.24 19.77 38.83
CA SER B 142 -12.71 19.64 38.87
C SER B 142 -13.18 18.84 40.11
N PRO B 143 -14.19 19.35 40.86
CA PRO B 143 -14.72 18.47 41.94
C PRO B 143 -15.26 17.12 41.42
N GLU B 144 -15.62 17.04 40.13
CA GLU B 144 -16.07 15.77 39.58
C GLU B 144 -15.00 14.67 39.49
N PHE B 145 -13.75 15.07 39.42
CA PHE B 145 -12.64 14.13 39.24
C PHE B 145 -12.52 13.20 40.45
N ALA B 146 -12.53 13.80 41.65
CA ALA B 146 -12.41 13.01 42.89
C ALA B 146 -13.59 12.06 42.99
N LYS B 147 -14.74 12.45 42.44
CA LYS B 147 -15.91 11.57 42.49
C LYS B 147 -15.81 10.42 41.51
N GLY B 148 -14.77 10.36 40.70
CA GLY B 148 -14.64 9.24 39.75
C GLY B 148 -15.01 9.48 38.28
N LYS B 149 -15.23 10.75 37.90
CA LYS B 149 -15.48 11.11 36.47
C LYS B 149 -14.15 11.53 35.86
N PRO B 150 -13.89 11.14 34.60
CA PRO B 150 -12.59 11.47 33.98
C PRO B 150 -12.37 12.97 33.82
N GLU B 151 -13.39 13.73 33.44
CA GLU B 151 -13.14 15.14 33.19
C GLU B 151 -11.90 15.30 32.26
N LEU B 152 -11.91 14.59 31.13
CA LEU B 152 -10.80 14.65 30.13
C LEU B 152 -10.61 16.11 29.75
N THR B 153 -9.34 16.49 29.58
CA THR B 153 -9.00 17.81 29.18
C THR B 153 -7.75 17.81 28.30
N LEU B 154 -7.59 18.85 27.49
CA LEU B 154 -6.33 19.10 26.75
C LEU B 154 -5.56 20.02 27.61
N SER B 155 -4.49 19.54 28.20
CA SER B 155 -3.67 20.35 29.08
C SER B 155 -2.61 21.12 28.27
N ARG B 156 -2.52 20.84 26.97
CA ARG B 156 -1.54 21.57 26.16
C ARG B 156 -2.26 22.49 25.19
N PRO B 157 -2.06 23.83 25.29
CA PRO B 157 -2.86 24.77 24.44
C PRO B 157 -2.53 24.72 22.97
N TYR B 158 -1.26 24.37 22.62
CA TYR B 158 -0.92 24.22 21.21
C TYR B 158 -1.70 23.06 20.66
N ALA B 159 -2.03 22.07 21.50
CA ALA B 159 -2.78 20.91 21.06
C ALA B 159 -4.27 21.29 20.84
N ALA B 160 -4.77 22.08 21.76
CA ALA B 160 -6.12 22.73 21.64
C ALA B 160 -6.25 23.58 20.38
N ARG B 161 -5.27 24.42 20.06
CA ARG B 161 -5.39 25.18 18.78
C ARG B 161 -5.31 24.26 17.55
N ALA B 162 -4.51 23.20 17.60
CA ALA B 162 -4.49 22.22 16.50
C ALA B 162 -5.82 21.53 16.28
N MET B 163 -6.47 21.06 17.33
CA MET B 163 -7.79 20.42 17.19
C MET B 163 -8.82 21.45 16.61
N GLU B 164 -8.72 22.71 17.01
CA GLU B 164 -9.64 23.73 16.41
C GLU B 164 -9.32 23.79 14.93
N ALA B 165 -8.05 23.70 14.59
CA ALA B 165 -7.63 23.94 13.22
C ALA B 165 -8.17 22.89 12.31
N ILE B 166 -8.37 21.64 12.77
CA ILE B 166 -8.95 20.61 11.91
C ILE B 166 -10.49 20.52 12.02
N GLY B 167 -11.12 21.58 12.55
CA GLY B 167 -12.59 21.63 12.74
C GLY B 167 -13.14 20.72 13.85
N LYS B 168 -12.40 20.54 14.94
CA LYS B 168 -12.83 19.65 16.00
C LYS B 168 -12.45 20.25 17.34
N PRO B 169 -13.00 21.44 17.67
CA PRO B 169 -12.70 22.02 19.00
C PRO B 169 -13.04 21.03 20.13
N PHE B 170 -12.15 20.94 21.10
CA PHE B 170 -12.23 19.85 22.05
C PHE B 170 -13.49 19.93 22.90
N GLU B 171 -13.81 21.13 23.38
CA GLU B 171 -14.89 21.24 24.32
C GLU B 171 -16.27 20.98 23.66
N LYS B 172 -16.39 21.16 22.34
CA LYS B 172 -17.58 20.73 21.63
C LYS B 172 -17.56 19.27 21.16
N ALA B 173 -16.51 18.48 21.39
CA ALA B 173 -16.44 17.21 20.66
C ALA B 173 -17.19 16.21 21.52
N GLY B 174 -17.66 15.11 20.98
CA GLY B 174 -18.32 14.15 21.87
C GLY B 174 -17.24 13.42 22.70
N ARG B 175 -17.68 12.63 23.70
CA ARG B 175 -16.80 11.85 24.55
C ARG B 175 -15.82 10.99 23.73
N PHE B 176 -16.34 10.30 22.75
CA PHE B 176 -15.52 9.42 21.95
C PHE B 176 -14.41 10.14 21.13
N ASP B 177 -14.70 11.28 20.54
CA ASP B 177 -13.64 12.10 19.95
C ASP B 177 -12.64 12.58 20.96
N GLN B 178 -13.13 13.07 22.07
CA GLN B 178 -12.26 13.51 23.16
C GLN B 178 -11.27 12.42 23.62
N GLN B 179 -11.70 11.18 23.70
CA GLN B 179 -10.83 10.06 24.00
C GLN B 179 -9.54 10.03 23.21
N SER B 180 -9.63 10.12 21.91
CA SER B 180 -8.43 10.07 21.06
C SER B 180 -7.65 11.38 21.03
N MET B 181 -8.37 12.50 21.14
CA MET B 181 -7.74 13.79 21.31
C MET B 181 -6.76 13.88 22.46
N VAL B 182 -7.04 13.21 23.60
CA VAL B 182 -6.02 13.33 24.65
C VAL B 182 -4.68 12.73 24.22
N CYS B 183 -4.70 11.63 23.46
CA CYS B 183 -3.46 10.99 23.04
C CYS B 183 -2.83 11.88 22.00
N GLY B 184 -3.73 12.51 21.24
CA GLY B 184 -3.42 13.42 20.17
C GLY B 184 -2.78 14.71 20.62
N GLN B 185 -2.58 14.88 21.92
CA GLN B 185 -1.76 16.03 22.35
C GLN B 185 -0.29 15.77 22.14
N CYS B 186 0.11 14.48 22.06
CA CYS B 186 1.55 14.15 22.00
C CYS B 186 1.85 13.24 20.80
N HIS B 187 0.88 12.37 20.48
CA HIS B 187 1.09 11.33 19.44
C HIS B 187 0.83 11.88 18.05
N VAL B 188 1.65 12.85 17.65
CA VAL B 188 1.40 13.59 16.40
C VAL B 188 2.68 14.06 15.72
N GLU B 189 2.61 14.39 14.42
CA GLU B 189 3.67 15.22 13.78
C GLU B 189 3.63 16.67 14.28
N TYR B 190 4.80 17.25 14.59
CA TYR B 190 4.87 18.64 15.04
C TYR B 190 6.14 19.27 14.48
N TYR B 191 6.27 20.58 14.61
CA TYR B 191 7.57 21.17 14.43
C TYR B 191 7.70 22.28 15.44
N PHE B 192 8.91 22.83 15.53
CA PHE B 192 9.21 24.01 16.40
C PHE B 192 9.17 25.27 15.54
N ASP B 193 8.43 26.25 16.05
CA ASP B 193 7.95 27.41 15.32
C ASP B 193 8.46 28.66 16.05
N GLY B 194 9.05 29.55 15.28
CA GLY B 194 9.28 30.91 15.77
C GLY B 194 10.54 30.96 16.60
N LYS B 195 10.82 32.12 17.17
CA LYS B 195 12.14 32.32 17.75
C LYS B 195 12.33 31.61 19.10
N ASN B 196 11.22 31.39 19.84
CA ASN B 196 11.20 30.60 21.08
C ASN B 196 11.04 29.08 20.86
N LYS B 197 10.91 28.65 19.60
CA LYS B 197 10.74 27.22 19.28
C LYS B 197 9.54 26.57 20.03
N ALA B 198 8.35 27.13 19.76
CA ALA B 198 7.07 26.69 20.26
C ALA B 198 6.57 25.44 19.54
N VAL B 199 5.96 24.50 20.28
CA VAL B 199 5.39 23.35 19.62
C VAL B 199 4.18 23.77 18.74
N LYS B 200 4.16 23.26 17.51
CA LYS B 200 3.10 23.55 16.56
C LYS B 200 2.81 22.31 15.71
N PHE B 201 1.54 22.00 15.42
CA PHE B 201 1.16 20.84 14.66
C PHE B 201 0.89 21.33 13.22
N PRO B 202 1.54 20.74 12.20
CA PRO B 202 1.37 21.41 10.87
C PRO B 202 0.00 21.08 10.26
N TRP B 203 -1.11 21.39 10.98
CA TRP B 203 -2.41 20.80 10.62
C TRP B 203 -3.37 21.78 9.94
N ASP B 204 -2.94 23.02 9.70
CA ASP B 204 -3.80 24.06 9.07
C ASP B 204 -4.46 23.66 7.74
N ASP B 205 -3.76 22.90 6.92
CA ASP B 205 -4.34 22.50 5.64
C ASP B 205 -4.86 21.05 5.67
N GLY B 206 -4.95 20.46 6.86
CA GLY B 206 -5.34 19.03 7.01
C GLY B 206 -4.15 18.15 7.45
N MET B 207 -4.42 16.86 7.61
CA MET B 207 -3.47 15.95 8.25
C MET B 207 -2.90 14.94 7.29
N LYS B 208 -3.25 15.04 6.01
CA LYS B 208 -2.59 14.19 5.04
C LYS B 208 -1.14 14.61 4.72
N VAL B 209 -0.33 13.63 4.30
CA VAL B 209 1.06 13.83 4.00
C VAL B 209 1.27 15.02 3.04
N GLU B 210 0.43 15.06 2.01
CA GLU B 210 0.44 16.08 0.97
C GLU B 210 0.05 17.43 1.57
N ASN B 211 -0.94 17.46 2.48
CA ASN B 211 -1.31 18.71 3.13
C ASN B 211 -0.22 19.30 4.02
N MET B 212 0.37 18.47 4.89
CA MET B 212 1.48 18.97 5.70
C MET B 212 2.69 19.36 4.85
N GLU B 213 2.92 18.66 3.74
CA GLU B 213 4.07 18.93 2.83
C GLU B 213 3.99 20.37 2.32
N GLN B 214 2.75 20.77 2.03
CA GLN B 214 2.37 22.07 1.51
C GLN B 214 2.54 23.06 2.60
N TYR B 215 2.11 22.71 3.81
CA TYR B 215 2.32 23.59 4.92
C TYR B 215 3.78 24.00 5.07
N TYR B 216 4.68 23.04 4.96
CA TYR B 216 6.04 23.36 5.25
C TYR B 216 6.67 24.13 4.09
N ASP B 217 6.25 23.78 2.88
CA ASP B 217 6.89 24.27 1.65
C ASP B 217 6.44 25.72 1.38
N LYS B 218 5.20 25.99 1.79
CA LYS B 218 4.64 27.35 1.91
C LYS B 218 5.34 28.33 2.89
N ILE B 219 6.02 27.85 3.93
CA ILE B 219 6.81 28.76 4.77
C ILE B 219 8.29 28.44 4.65
N ALA B 220 8.67 27.63 3.66
CA ALA B 220 10.07 27.35 3.37
C ALA B 220 10.79 26.73 4.55
N PHE B 221 10.06 25.94 5.38
CA PHE B 221 10.61 25.45 6.66
C PHE B 221 11.50 24.19 6.48
N SER B 222 12.56 24.09 7.28
CA SER B 222 13.37 22.87 7.29
C SER B 222 13.74 22.62 8.69
N ASP B 223 13.67 21.34 9.06
CA ASP B 223 14.20 20.89 10.32
C ASP B 223 15.73 20.90 10.41
N TRP B 224 16.45 20.48 9.35
CA TRP B 224 17.91 20.52 9.31
C TRP B 224 18.37 20.30 7.89
N THR B 225 19.66 20.47 7.67
CA THR B 225 20.25 20.25 6.38
C THR B 225 21.02 18.91 6.44
N ASN B 226 20.68 17.95 5.59
CA ASN B 226 21.42 16.71 5.61
C ASN B 226 22.89 17.03 5.27
N SER B 227 23.82 16.66 6.15
CA SER B 227 25.27 17.03 5.90
C SER B 227 25.96 16.27 4.70
N LEU B 228 25.34 15.22 4.18
CA LEU B 228 25.87 14.54 3.02
C LEU B 228 25.38 15.22 1.72
N SER B 229 24.07 15.48 1.59
CA SER B 229 23.56 15.95 0.31
C SER B 229 23.31 17.44 0.36
N LYS B 230 23.47 18.04 1.56
CA LYS B 230 23.03 19.40 1.85
C LYS B 230 21.58 19.68 1.51
N THR B 231 20.70 18.68 1.57
CA THR B 231 19.30 18.91 1.31
C THR B 231 18.70 19.53 2.59
N PRO B 232 17.96 20.67 2.49
CA PRO B 232 17.11 21.13 3.63
C PRO B 232 15.97 20.10 3.83
N MET B 233 15.92 19.47 5.01
CA MET B 233 15.13 18.25 5.19
C MET B 233 14.01 18.53 6.16
N LEU B 234 12.98 17.68 6.09
CA LEU B 234 11.91 17.74 7.05
C LEU B 234 11.99 16.44 7.79
N LYS B 235 11.76 16.53 9.10
CA LYS B 235 11.76 15.39 10.00
C LYS B 235 10.34 15.07 10.45
N ALA B 236 9.84 13.85 10.22
CA ALA B 236 8.56 13.46 10.80
C ALA B 236 8.66 12.82 12.23
N GLN B 237 7.65 13.10 13.09
CA GLN B 237 7.51 12.44 14.41
C GLN B 237 6.16 11.68 14.56
N ASN B 238 6.26 10.44 14.99
CA ASN B 238 5.12 9.60 15.38
C ASN B 238 3.70 10.20 15.06
N PRO B 239 3.28 10.15 13.80
CA PRO B 239 2.00 10.76 13.49
C PRO B 239 0.82 9.76 13.74
N GLU B 240 0.64 9.32 14.97
CA GLU B 240 -0.43 8.33 15.26
C GLU B 240 -1.82 8.90 15.08
N TYR B 241 -2.01 10.11 15.59
CA TYR B 241 -3.32 10.76 15.47
C TYR B 241 -3.71 10.92 14.02
N GLU B 242 -2.84 11.51 13.21
CA GLU B 242 -3.11 11.66 11.78
C GLU B 242 -3.34 10.34 11.03
N THR B 243 -2.51 9.35 11.27
CA THR B 243 -2.62 8.11 10.54
C THR B 243 -3.80 7.25 11.07
N TRP B 244 -4.05 7.30 12.37
CA TRP B 244 -5.20 6.56 12.89
C TRP B 244 -6.51 7.13 12.26
N THR B 245 -6.58 8.45 12.10
CA THR B 245 -7.76 9.11 11.46
C THR B 245 -7.94 8.60 10.04
N ALA B 246 -6.85 8.35 9.32
CA ALA B 246 -6.89 7.84 7.93
C ALA B 246 -7.28 6.38 7.85
N GLY B 247 -7.07 5.60 8.91
CA GLY B 247 -7.32 4.15 8.81
C GLY B 247 -8.76 3.74 9.04
N ILE B 248 -9.07 2.47 8.76
CA ILE B 248 -10.44 1.96 8.84
C ILE B 248 -11.01 2.04 10.26
N HIS B 249 -10.18 1.84 11.30
CA HIS B 249 -10.68 1.93 12.63
C HIS B 249 -11.11 3.36 12.99
N GLY B 250 -10.20 4.30 12.73
CA GLY B 250 -10.46 5.73 12.91
C GLY B 250 -11.70 6.13 12.13
N LYS B 251 -11.87 5.66 10.91
CA LYS B 251 -13.09 5.95 10.15
C LYS B 251 -14.38 5.34 10.75
N ASN B 252 -14.25 4.29 11.57
CA ASN B 252 -15.40 3.71 12.22
C ASN B 252 -15.48 4.15 13.69
N ASN B 253 -14.79 5.24 14.04
CA ASN B 253 -14.75 5.76 15.42
C ASN B 253 -14.37 4.72 16.44
N VAL B 254 -13.40 3.88 16.10
CA VAL B 254 -12.83 3.02 17.12
C VAL B 254 -11.67 3.85 17.67
N THR B 255 -11.67 4.21 18.97
CA THR B 255 -10.77 5.25 19.50
C THR B 255 -9.48 4.60 19.99
N CYS B 256 -8.43 5.39 20.19
CA CYS B 256 -7.14 4.84 20.79
C CYS B 256 -7.41 3.97 22.02
N ILE B 257 -8.34 4.46 22.81
CA ILE B 257 -8.78 3.86 24.09
C ILE B 257 -9.37 2.46 23.99
N ASP B 258 -10.12 2.20 22.94
CA ASP B 258 -10.84 0.91 22.76
C ASP B 258 -9.79 -0.17 22.67
N CYS B 259 -8.61 0.21 22.22
CA CYS B 259 -7.54 -0.82 22.07
C CYS B 259 -6.47 -0.72 23.10
N HIS B 260 -6.13 0.49 23.47
CA HIS B 260 -4.97 0.66 24.37
C HIS B 260 -5.30 0.91 25.87
N MET B 261 -6.52 1.33 26.18
CA MET B 261 -7.01 1.62 27.55
C MET B 261 -8.40 1.10 27.69
N PRO B 262 -8.60 -0.23 27.64
CA PRO B 262 -9.95 -0.78 27.70
C PRO B 262 -10.56 -0.73 29.10
N LYS B 263 -11.89 -0.84 29.13
CA LYS B 263 -12.64 -0.98 30.37
C LYS B 263 -12.45 -2.38 30.95
N VAL B 264 -12.03 -2.44 32.22
CA VAL B 264 -11.78 -3.66 32.99
C VAL B 264 -12.45 -3.59 34.39
N GLN B 265 -12.64 -4.75 35.01
CA GLN B 265 -13.27 -4.87 36.34
C GLN B 265 -12.15 -4.93 37.37
N ASN B 266 -12.30 -4.30 38.53
CA ASN B 266 -11.38 -4.64 39.67
C ASN B 266 -11.84 -5.96 40.39
N ALA B 267 -11.07 -6.44 41.38
CA ALA B 267 -11.47 -7.65 42.16
C ALA B 267 -12.93 -7.55 42.68
N GLU B 268 -13.31 -6.38 43.18
CA GLU B 268 -14.70 -6.16 43.60
C GLU B 268 -15.73 -6.04 42.46
N GLY B 269 -15.29 -6.22 41.21
CA GLY B 269 -16.20 -6.12 40.07
C GLY B 269 -16.51 -4.71 39.55
N LYS B 270 -16.05 -3.65 40.21
CA LYS B 270 -16.25 -2.26 39.71
C LYS B 270 -15.50 -2.03 38.35
N LEU B 271 -16.14 -1.37 37.39
CA LEU B 271 -15.56 -1.21 36.06
C LEU B 271 -14.68 0.03 36.11
N TYR B 272 -13.48 -0.01 35.53
CA TYR B 272 -12.64 1.20 35.47
C TYR B 272 -11.81 1.06 34.21
N THR B 273 -11.11 2.13 33.83
CA THR B 273 -10.30 2.19 32.63
C THR B 273 -8.89 1.74 32.93
N ASP B 274 -8.44 0.66 32.32
CA ASP B 274 -7.05 0.22 32.51
C ASP B 274 -6.07 1.30 32.04
N HIS B 275 -5.28 1.85 32.94
CA HIS B 275 -4.36 2.91 32.58
C HIS B 275 -2.95 2.39 32.23
N LYS B 276 -2.80 1.07 32.16
CA LYS B 276 -1.51 0.53 31.75
C LYS B 276 -1.43 0.53 30.21
N ILE B 277 -1.13 1.70 29.66
CA ILE B 277 -1.13 1.91 28.22
C ILE B 277 0.02 1.19 27.49
N GLY B 278 -0.35 0.22 26.66
CA GLY B 278 0.58 -0.73 26.10
C GLY B 278 0.00 -1.47 24.91
N ASN B 279 0.50 -2.69 24.71
CA ASN B 279 0.11 -3.54 23.59
C ASN B 279 -1.32 -4.09 23.81
N PRO B 280 -2.26 -3.78 22.91
CA PRO B 280 -3.62 -4.29 23.01
C PRO B 280 -3.71 -5.80 22.93
N PHE B 281 -2.73 -6.45 22.30
CA PHE B 281 -2.69 -7.95 22.34
C PHE B 281 -2.50 -8.58 23.72
N ASP B 282 -1.86 -7.90 24.66
CA ASP B 282 -1.80 -8.33 26.09
C ASP B 282 -3.14 -8.49 26.78
N ASN B 283 -4.17 -7.75 26.36
CA ASN B 283 -5.53 -8.01 26.86
C ASN B 283 -6.58 -8.16 25.76
N PHE B 284 -6.30 -9.14 24.90
CA PHE B 284 -7.07 -9.39 23.73
C PHE B 284 -8.57 -9.55 24.01
N ALA B 285 -8.92 -10.31 25.07
CA ALA B 285 -10.29 -10.61 25.37
C ALA B 285 -11.08 -9.33 25.71
N GLN B 286 -10.36 -8.28 26.15
CA GLN B 286 -11.00 -6.97 26.43
C GLN B 286 -10.73 -5.87 25.39
N THR B 287 -9.94 -6.18 24.35
CA THR B 287 -9.70 -5.22 23.29
C THR B 287 -10.29 -5.75 22.02
N CYS B 288 -9.50 -6.44 21.21
CA CYS B 288 -10.08 -6.82 19.86
C CYS B 288 -11.32 -7.65 19.97
N ALA B 289 -11.36 -8.52 20.99
CA ALA B 289 -12.44 -9.50 21.09
C ALA B 289 -13.76 -8.83 21.37
N ASN B 290 -13.75 -7.61 21.90
CA ASN B 290 -15.00 -6.81 21.98
C ASN B 290 -15.71 -6.67 20.65
N CYS B 291 -15.01 -6.72 19.51
CA CYS B 291 -15.71 -6.42 18.26
C CYS B 291 -15.51 -7.46 17.22
N HIS B 292 -14.52 -8.32 17.40
CA HIS B 292 -14.13 -9.29 16.34
C HIS B 292 -14.34 -10.70 16.86
N THR B 293 -14.70 -11.63 15.99
CA THR B 293 -14.88 -13.03 16.41
C THR B 293 -13.66 -13.90 16.03
N GLN B 294 -12.66 -13.35 15.31
CA GLN B 294 -11.46 -14.14 14.94
C GLN B 294 -10.64 -14.37 16.22
N ASP B 295 -9.88 -15.43 16.34
CA ASP B 295 -9.13 -15.57 17.55
C ASP B 295 -7.80 -14.77 17.50
N LYS B 296 -7.15 -14.70 18.65
CA LYS B 296 -6.01 -13.87 18.87
C LYS B 296 -4.89 -14.23 17.91
N ALA B 297 -4.61 -15.51 17.75
CA ALA B 297 -3.51 -15.95 16.89
C ALA B 297 -3.74 -15.51 15.44
N ALA B 298 -4.96 -15.62 14.97
CA ALA B 298 -5.29 -15.20 13.64
C ALA B 298 -5.13 -13.66 13.43
N LEU B 299 -5.52 -12.86 14.40
CA LEU B 299 -5.43 -11.43 14.23
C LEU B 299 -3.98 -10.97 14.42
N GLN B 300 -3.26 -11.62 15.31
CA GLN B 300 -1.82 -11.33 15.46
C GLN B 300 -1.08 -11.58 14.13
N LYS B 301 -1.44 -12.67 13.50
CA LYS B 301 -0.86 -13.05 12.24
C LYS B 301 -1.11 -12.04 11.07
N VAL B 302 -2.34 -11.53 10.93
CA VAL B 302 -2.64 -10.53 9.92
C VAL B 302 -1.77 -9.29 10.22
N VAL B 303 -1.68 -8.92 11.49
CA VAL B 303 -0.96 -7.75 11.83
C VAL B 303 0.54 -7.88 11.54
N ALA B 304 1.10 -9.05 11.88
CA ALA B 304 2.54 -9.28 11.70
C ALA B 304 2.82 -9.31 10.21
N GLU B 305 1.82 -9.75 9.45
CA GLU B 305 1.97 -9.76 7.99
C GLU B 305 2.08 -8.34 7.37
N ARG B 306 1.26 -7.42 7.88
CA ARG B 306 1.29 -6.02 7.41
C ARG B 306 2.62 -5.38 7.82
N LYS B 307 3.05 -5.73 9.00
CA LYS B 307 4.28 -5.23 9.50
C LYS B 307 5.42 -5.62 8.58
N GLN B 308 5.44 -6.88 8.13
CA GLN B 308 6.53 -7.37 7.31
C GLN B 308 6.44 -6.72 5.95
N SER B 309 5.20 -6.61 5.42
CA SER B 309 5.01 -5.96 4.12
C SER B 309 5.56 -4.52 4.10
N ILE B 310 5.27 -3.78 5.18
CA ILE B 310 5.71 -2.39 5.26
C ILE B 310 7.21 -2.30 5.51
N ASN B 311 7.71 -3.15 6.42
CA ASN B 311 9.15 -3.27 6.67
C ASN B 311 9.96 -3.55 5.39
N ASP B 312 9.57 -4.56 4.61
CA ASP B 312 10.25 -4.86 3.35
C ASP B 312 10.25 -3.67 2.40
N LEU B 313 9.09 -3.06 2.17
CA LEU B 313 9.04 -1.92 1.22
C LEU B 313 9.80 -0.69 1.79
N LYS B 314 9.75 -0.53 3.08
CA LYS B 314 10.46 0.58 3.70
C LYS B 314 11.96 0.53 3.48
N ILE B 315 12.52 -0.66 3.55
CA ILE B 315 13.97 -0.81 3.36
C ILE B 315 14.38 -0.52 1.90
N LYS B 316 13.50 -0.87 0.97
CA LYS B 316 13.68 -0.54 -0.42
C LYS B 316 13.81 1.00 -0.60
N VAL B 317 12.88 1.78 -0.02
CA VAL B 317 12.89 3.22 -0.21
C VAL B 317 14.15 3.75 0.52
N GLU B 318 14.45 3.23 1.70
CA GLU B 318 15.65 3.67 2.41
C GLU B 318 16.95 3.47 1.68
N ASP B 319 17.10 2.31 1.02
CA ASP B 319 18.29 2.00 0.25
C ASP B 319 18.35 2.99 -0.92
N GLN B 320 17.22 3.26 -1.61
CA GLN B 320 17.22 4.32 -2.64
C GLN B 320 17.73 5.70 -2.08
N LEU B 321 17.21 6.11 -0.93
CA LEU B 321 17.51 7.41 -0.36
C LEU B 321 18.99 7.45 0.15
N VAL B 322 19.47 6.35 0.75
CA VAL B 322 20.92 6.20 1.08
C VAL B 322 21.78 6.47 -0.17
N HIS B 323 21.51 5.79 -1.29
CA HIS B 323 22.24 6.08 -2.51
C HIS B 323 22.08 7.55 -2.98
N ALA B 324 20.88 8.09 -2.93
CA ALA B 324 20.68 9.48 -3.37
C ALA B 324 21.56 10.42 -2.55
N HIS B 325 21.55 10.28 -1.21
CA HIS B 325 22.37 11.19 -0.42
C HIS B 325 23.85 11.04 -0.80
N PHE B 326 24.36 9.82 -1.01
CA PHE B 326 25.76 9.65 -1.31
C PHE B 326 26.05 10.10 -2.69
N GLU B 327 25.06 10.02 -3.59
CA GLU B 327 25.31 10.45 -4.93
C GLU B 327 25.30 11.98 -5.00
N ALA B 328 24.46 12.61 -4.15
CA ALA B 328 24.43 14.05 -4.07
C ALA B 328 25.80 14.50 -3.48
N LYS B 329 26.31 13.82 -2.45
CA LYS B 329 27.67 14.14 -1.92
C LYS B 329 28.72 14.08 -3.07
N ALA B 330 28.64 13.04 -3.89
CA ALA B 330 29.63 12.87 -4.93
C ALA B 330 29.46 14.00 -5.97
N ALA B 331 28.23 14.43 -6.26
CA ALA B 331 27.99 15.54 -7.23
C ALA B 331 28.62 16.82 -6.68
N LEU B 332 28.33 17.14 -5.43
CA LEU B 332 29.01 18.27 -4.73
C LEU B 332 30.54 18.20 -4.74
N ASP B 333 31.12 17.00 -4.56
CA ASP B 333 32.56 16.85 -4.56
C ASP B 333 33.09 17.04 -5.98
N ALA B 334 32.27 16.73 -6.98
CA ALA B 334 32.65 16.90 -8.37
C ALA B 334 32.34 18.32 -8.90
N GLY B 335 32.01 19.28 -8.02
CA GLY B 335 31.84 20.69 -8.52
C GLY B 335 30.44 21.24 -8.78
N ALA B 336 29.36 20.45 -8.52
CA ALA B 336 27.98 20.94 -8.79
C ALA B 336 27.65 22.24 -7.99
N THR B 337 26.94 23.17 -8.58
CA THR B 337 26.68 24.44 -7.90
C THR B 337 25.36 24.28 -7.19
N GLU B 338 25.00 25.27 -6.37
CA GLU B 338 23.68 25.26 -5.65
C GLU B 338 22.51 25.15 -6.58
N ALA B 339 22.59 25.88 -7.68
CA ALA B 339 21.50 25.86 -8.69
C ALA B 339 21.37 24.50 -9.36
N GLU B 340 22.49 23.85 -9.64
CA GLU B 340 22.44 22.47 -10.19
C GLU B 340 21.88 21.46 -9.13
N MET B 341 22.22 21.62 -7.86
CA MET B 341 21.70 20.70 -6.84
C MET B 341 20.23 20.91 -6.51
N LYS B 342 19.74 22.14 -6.67
CA LYS B 342 18.42 22.52 -6.18
C LYS B 342 17.28 21.56 -6.61
N PRO B 343 17.12 21.23 -7.93
CA PRO B 343 16.04 20.27 -8.32
C PRO B 343 16.21 18.88 -7.70
N ILE B 344 17.45 18.42 -7.57
CA ILE B 344 17.74 17.15 -6.93
C ILE B 344 17.29 17.17 -5.44
N GLN B 345 17.61 18.27 -4.77
CA GLN B 345 17.43 18.40 -3.33
C GLN B 345 15.96 18.50 -3.02
N ASP B 346 15.21 19.17 -3.88
CA ASP B 346 13.77 19.23 -3.72
C ASP B 346 13.28 17.79 -3.78
N ASP B 347 13.73 16.98 -4.76
CA ASP B 347 13.26 15.57 -4.82
C ASP B 347 13.61 14.75 -3.60
N ILE B 348 14.84 14.90 -3.12
CA ILE B 348 15.27 14.21 -1.93
C ILE B 348 14.42 14.63 -0.76
N ARG B 349 14.19 15.91 -0.63
CA ARG B 349 13.40 16.40 0.51
C ARG B 349 11.99 15.78 0.44
N HIS B 350 11.38 15.74 -0.73
CA HIS B 350 10.02 15.19 -0.82
C HIS B 350 9.95 13.69 -0.65
N ALA B 351 10.93 12.98 -1.20
CA ALA B 351 10.96 11.50 -1.08
C ALA B 351 11.09 11.18 0.38
N GLN B 352 12.05 11.81 1.03
CA GLN B 352 12.32 11.52 2.45
C GLN B 352 11.23 11.94 3.43
N TRP B 353 10.56 13.03 3.09
CA TRP B 353 9.43 13.44 3.90
C TRP B 353 8.37 12.37 3.81
N ARG B 354 8.09 11.85 2.61
CA ARG B 354 6.99 10.87 2.51
C ARG B 354 7.39 9.55 3.15
N TRP B 355 8.65 9.11 2.94
CA TRP B 355 9.18 7.94 3.67
C TRP B 355 9.06 8.13 5.23
N ASP B 356 9.52 9.27 5.75
CA ASP B 356 9.63 9.50 7.23
C ASP B 356 8.23 9.49 7.87
N LEU B 357 7.28 10.21 7.26
CA LEU B 357 5.90 10.21 7.77
C LEU B 357 5.22 8.86 7.65
N ALA B 358 5.52 8.10 6.60
CA ALA B 358 4.98 6.78 6.44
C ALA B 358 5.37 5.82 7.57
N ILE B 359 6.58 5.92 8.14
CA ILE B 359 7.05 4.90 9.08
C ILE B 359 7.54 5.42 10.47
N ALA B 360 7.46 6.75 10.70
CA ALA B 360 7.81 7.34 11.98
C ALA B 360 6.80 6.90 13.06
N SER B 361 5.56 6.56 12.69
CA SER B 361 4.69 5.82 13.65
C SER B 361 4.97 4.31 13.67
N HIS B 362 5.34 3.75 14.83
CA HIS B 362 5.58 2.32 14.88
C HIS B 362 4.29 1.54 14.88
N GLY B 363 3.16 2.21 14.93
CA GLY B 363 1.88 1.50 14.86
C GLY B 363 1.27 1.48 13.46
N ILE B 364 1.91 2.08 12.46
CA ILE B 364 1.22 2.30 11.15
C ILE B 364 0.68 1.01 10.48
N HIS B 365 1.41 -0.09 10.63
CA HIS B 365 0.94 -1.35 10.04
C HIS B 365 -0.35 -1.84 10.70
N MET B 366 -0.66 -1.36 11.90
CA MET B 366 -1.95 -1.65 12.50
C MET B 366 -2.98 -0.55 12.25
N HIS B 367 -2.57 0.69 12.45
CA HIS B 367 -3.54 1.76 12.45
C HIS B 367 -4.08 2.08 11.05
N ALA B 368 -3.19 2.12 10.06
CA ALA B 368 -3.54 2.52 8.68
C ALA B 368 -2.51 1.95 7.72
N PRO B 369 -2.51 0.59 7.54
CA PRO B 369 -1.47 -0.06 6.76
C PRO B 369 -1.51 0.38 5.29
N GLU B 370 -2.70 0.58 4.73
CA GLU B 370 -2.75 0.99 3.34
C GLU B 370 -2.20 2.40 3.12
N GLU B 371 -2.43 3.31 4.05
CA GLU B 371 -1.83 4.64 4.01
C GLU B 371 -0.29 4.63 4.11
N GLY B 372 0.26 3.78 4.98
CA GLY B 372 1.73 3.65 5.09
C GLY B 372 2.29 3.19 3.74
N LEU B 373 1.65 2.18 3.16
CA LEU B 373 2.09 1.61 1.90
C LEU B 373 2.02 2.61 0.74
N ARG B 374 0.89 3.28 0.67
CA ARG B 374 0.67 4.36 -0.30
C ARG B 374 1.77 5.45 -0.21
N MET B 375 2.02 5.99 0.98
CA MET B 375 3.07 7.03 1.16
C MET B 375 4.43 6.52 0.80
N LEU B 376 4.73 5.24 1.12
CA LEU B 376 6.03 4.66 0.75
C LEU B 376 6.18 4.60 -0.78
N GLY B 377 5.08 4.32 -1.50
CA GLY B 377 5.18 4.24 -2.95
C GLY B 377 5.40 5.62 -3.59
N THR B 378 4.72 6.65 -3.05
CA THR B 378 4.99 8.04 -3.48
C THR B 378 6.45 8.52 -3.10
N ALA B 379 6.96 8.10 -1.94
CA ALA B 379 8.35 8.39 -1.61
C ALA B 379 9.24 7.87 -2.69
N MET B 380 8.93 6.66 -3.15
CA MET B 380 9.79 5.95 -4.08
C MET B 380 9.88 6.65 -5.44
N ASP B 381 8.77 7.22 -5.86
CA ASP B 381 8.65 7.97 -7.11
C ASP B 381 9.59 9.20 -7.11
N LYS B 382 9.67 9.90 -5.98
CA LYS B 382 10.49 11.07 -5.86
C LYS B 382 11.97 10.67 -5.73
N ALA B 383 12.24 9.53 -5.08
CA ALA B 383 13.65 9.08 -4.93
C ALA B 383 14.21 8.66 -6.28
N ALA B 384 13.38 7.96 -7.08
CA ALA B 384 13.69 7.69 -8.45
C ALA B 384 14.07 8.96 -9.22
N ASP B 385 13.23 10.02 -9.17
CA ASP B 385 13.57 11.23 -9.92
C ASP B 385 14.91 11.80 -9.43
N ALA B 386 15.14 11.80 -8.13
CA ALA B 386 16.37 12.36 -7.61
C ALA B 386 17.60 11.64 -8.22
N ARG B 387 17.54 10.31 -8.23
CA ARG B 387 18.71 9.52 -8.65
C ARG B 387 18.94 9.60 -10.15
N THR B 388 17.85 9.69 -10.93
CA THR B 388 17.96 9.91 -12.36
C THR B 388 18.62 11.26 -12.69
N LYS B 389 18.16 12.33 -12.05
CA LYS B 389 18.77 13.62 -12.28
C LYS B 389 20.23 13.61 -11.80
N LEU B 390 20.49 12.93 -10.69
CA LEU B 390 21.85 12.81 -10.14
C LEU B 390 22.77 12.05 -11.11
N ALA B 391 22.24 10.99 -11.73
CA ALA B 391 23.08 10.27 -12.72
C ALA B 391 23.41 11.19 -13.91
N ARG B 392 22.43 12.00 -14.32
CA ARG B 392 22.71 12.91 -15.43
C ARG B 392 23.71 14.00 -15.01
N LEU B 393 23.52 14.57 -13.81
CA LEU B 393 24.41 15.60 -13.30
C LEU B 393 25.82 15.07 -13.15
N LEU B 394 25.99 13.93 -12.48
CA LEU B 394 27.31 13.30 -12.33
C LEU B 394 27.98 13.13 -13.71
N ALA B 395 27.20 12.67 -14.68
CA ALA B 395 27.74 12.51 -16.03
C ALA B 395 28.30 13.82 -16.64
N THR B 396 27.60 14.94 -16.53
CA THR B 396 28.10 16.21 -17.06
C THR B 396 29.47 16.58 -16.44
N LYS B 397 29.76 16.05 -15.27
CA LYS B 397 31.06 16.19 -14.64
C LYS B 397 32.02 15.04 -14.94
N GLY B 398 31.72 14.19 -15.91
CA GLY B 398 32.70 13.17 -16.33
C GLY B 398 32.57 11.88 -15.50
N ILE B 399 31.53 11.73 -14.69
CA ILE B 399 31.44 10.59 -13.80
C ILE B 399 30.29 9.72 -14.31
N THR B 400 30.62 8.54 -14.84
CA THR B 400 29.60 7.66 -15.40
C THR B 400 29.52 6.29 -14.70
N HIS B 401 30.29 6.07 -13.64
CA HIS B 401 30.20 4.79 -12.87
C HIS B 401 29.21 4.94 -11.70
N GLU B 402 28.72 3.83 -11.18
CA GLU B 402 27.90 3.80 -9.97
C GLU B 402 28.72 4.37 -8.83
N ILE B 403 28.13 5.22 -7.97
CA ILE B 403 28.83 5.79 -6.82
C ILE B 403 28.91 4.76 -5.69
N GLN B 404 30.13 4.47 -5.25
CA GLN B 404 30.33 3.44 -4.19
C GLN B 404 29.97 4.07 -2.87
N ILE B 405 29.24 3.32 -2.02
CA ILE B 405 28.75 3.76 -0.68
CA ILE B 405 28.89 3.88 -0.71
C ILE B 405 29.78 3.26 0.36
N PRO B 406 29.99 3.99 1.45
CA PRO B 406 30.85 3.35 2.44
C PRO B 406 30.13 2.15 3.14
N ASP B 407 30.88 1.43 3.99
CA ASP B 407 30.31 0.35 4.76
C ASP B 407 29.30 0.93 5.81
N ILE B 408 28.04 0.55 5.71
CA ILE B 408 27.05 1.05 6.67
C ILE B 408 26.28 -0.17 7.25
N SER B 409 26.93 -1.32 7.35
CA SER B 409 26.24 -2.54 7.70
C SER B 409 25.95 -2.53 9.18
N THR B 410 26.57 -1.65 9.97
CA THR B 410 26.16 -1.61 11.36
C THR B 410 25.96 -0.14 11.74
N LYS B 411 25.34 0.09 12.90
CA LYS B 411 25.07 1.45 13.36
C LYS B 411 26.40 2.22 13.54
N GLU B 412 27.38 1.56 14.16
CA GLU B 412 28.71 2.13 14.44
C GLU B 412 29.45 2.51 13.17
N LYS B 413 29.43 1.65 12.18
CA LYS B 413 30.05 1.97 10.89
C LYS B 413 29.38 3.17 10.19
N ALA B 414 28.05 3.15 10.17
CA ALA B 414 27.26 4.29 9.60
C ALA B 414 27.63 5.61 10.31
N GLN B 415 27.64 5.59 11.65
CA GLN B 415 27.94 6.78 12.46
C GLN B 415 29.38 7.26 12.25
N GLN B 416 30.35 6.34 12.09
CA GLN B 416 31.74 6.75 11.79
C GLN B 416 31.72 7.39 10.39
N ALA B 417 31.00 6.75 9.46
CA ALA B 417 30.97 7.23 8.08
C ALA B 417 30.46 8.68 7.99
N ILE B 418 29.58 9.12 8.90
CA ILE B 418 29.11 10.54 8.81
C ILE B 418 29.90 11.45 9.78
N GLY B 419 31.00 10.91 10.36
CA GLY B 419 31.90 11.71 11.17
C GLY B 419 31.46 11.93 12.63
N LEU B 420 30.68 11.01 13.22
CA LEU B 420 30.33 11.18 14.65
C LEU B 420 31.39 10.43 15.46
N ASN B 421 31.97 11.11 16.46
CA ASN B 421 32.90 10.50 17.40
C ASN B 421 32.05 9.97 18.52
N MET B 422 31.48 8.75 18.33
CA MET B 422 30.52 8.13 19.24
C MET B 422 31.08 7.87 20.63
N GLU B 423 32.33 7.42 20.70
CA GLU B 423 32.94 7.18 22.03
C GLU B 423 33.00 8.45 22.89
N GLN B 424 33.36 9.58 22.31
CA GLN B 424 33.38 10.86 23.06
C GLN B 424 31.93 11.34 23.42
N ILE B 425 31.04 11.31 22.43
CA ILE B 425 29.61 11.68 22.66
C ILE B 425 28.99 10.91 23.83
N LYS B 426 29.22 9.59 23.86
CA LYS B 426 28.68 8.68 24.83
C LYS B 426 29.32 8.93 26.19
N ALA B 427 30.65 9.16 26.23
CA ALA B 427 31.35 9.48 27.49
C ALA B 427 30.80 10.75 28.13
N GLU B 428 30.67 11.80 27.35
CA GLU B 428 30.07 13.03 27.86
C GLU B 428 28.64 12.81 28.39
N LYS B 429 27.80 12.05 27.66
CA LYS B 429 26.42 11.80 28.10
C LYS B 429 26.45 11.07 29.46
N GLN B 430 27.27 10.02 29.56
CA GLN B 430 27.41 9.24 30.79
C GLN B 430 27.81 10.11 31.96
N ASP B 431 28.72 11.03 31.71
CA ASP B 431 29.13 11.98 32.74
C ASP B 431 27.95 12.85 33.21
N PHE B 432 27.25 13.48 32.26
CA PHE B 432 26.01 14.21 32.55
C PHE B 432 24.96 13.34 33.28
N ILE B 433 24.64 12.14 32.79
CA ILE B 433 23.66 11.29 33.46
C ILE B 433 24.09 11.06 34.94
N LYS B 434 25.39 10.89 35.17
CA LYS B 434 25.93 10.57 36.49
C LYS B 434 25.94 11.77 37.43
N THR B 435 26.34 12.94 36.96
CA THR B 435 26.48 14.07 37.88
C THR B 435 25.37 15.14 37.82
N VAL B 436 24.79 15.42 36.64
CA VAL B 436 23.77 16.49 36.58
C VAL B 436 22.37 16.02 36.97
N ILE B 437 21.95 14.82 36.55
CA ILE B 437 20.61 14.33 36.84
C ILE B 437 20.34 14.41 38.34
N PRO B 438 21.23 13.82 39.19
CA PRO B 438 20.98 13.94 40.65
C PRO B 438 20.96 15.34 41.22
N GLN B 439 21.75 16.30 40.72
CA GLN B 439 21.58 17.72 41.15
C GLN B 439 20.20 18.25 40.82
N TRP B 440 19.66 17.85 39.66
CA TRP B 440 18.31 18.30 39.22
C TRP B 440 17.24 17.77 40.16
N GLU B 441 17.28 16.46 40.41
CA GLU B 441 16.36 15.80 41.33
C GLU B 441 16.46 16.28 42.80
N GLU B 442 17.68 16.41 43.37
CA GLU B 442 17.88 16.97 44.71
CA GLU B 442 17.85 16.97 44.74
C GLU B 442 17.31 18.40 44.88
N GLN B 443 17.57 19.27 43.92
CA GLN B 443 17.03 20.59 43.93
C GLN B 443 15.48 20.62 43.74
N ALA B 444 14.94 19.75 42.89
CA ALA B 444 13.48 19.60 42.76
C ALA B 444 12.85 19.20 44.10
N ARG B 445 13.46 18.20 44.74
CA ARG B 445 13.09 17.76 46.09
C ARG B 445 13.16 18.89 47.11
N LYS B 446 14.29 19.62 47.16
CA LYS B 446 14.44 20.77 48.05
C LYS B 446 13.32 21.81 47.87
N ASN B 447 12.92 22.05 46.63
CA ASN B 447 11.87 23.04 46.31
C ASN B 447 10.42 22.54 46.34
N GLY B 448 10.22 21.32 46.79
CA GLY B 448 8.90 20.78 46.92
C GLY B 448 8.25 20.23 45.65
N LEU B 449 9.00 20.17 44.53
CA LEU B 449 8.43 19.77 43.23
C LEU B 449 8.37 18.26 43.03
N LEU B 450 9.14 17.53 43.82
CA LEU B 450 9.33 16.10 43.71
C LEU B 450 9.40 15.53 45.11
N SER B 451 8.63 14.49 45.42
CA SER B 451 8.62 14.05 46.83
C SER B 451 10.01 13.52 47.26
FE HEC C . -9.69 -13.03 -22.15
CHA HEC C . -11.62 -10.41 -20.93
CHB HEC C . -9.67 -11.62 -25.26
CHC HEC C . -7.37 -15.43 -23.24
CHD HEC C . -9.81 -14.57 -19.13
NA HEC C . -10.59 -11.36 -23.00
C1A HEC C . -11.39 -10.45 -22.33
C2A HEC C . -11.79 -9.44 -23.28
C3A HEC C . -11.24 -9.76 -24.45
C4A HEC C . -10.43 -10.95 -24.29
CMA HEC C . -11.41 -8.98 -25.76
CAA HEC C . -12.73 -8.27 -22.91
CBA HEC C . -11.96 -7.10 -22.21
CGA HEC C . -10.88 -6.61 -23.16
O1A HEC C . -11.19 -5.96 -24.24
O2A HEC C . -9.65 -6.92 -22.94
NB HEC C . -8.78 -13.50 -23.91
C1B HEC C . -8.79 -12.66 -25.03
C2B HEC C . -7.70 -13.04 -25.88
C3B HEC C . -7.12 -14.12 -25.33
C4B HEC C . -7.71 -14.38 -24.07
CMB HEC C . -7.46 -12.40 -27.30
CAB HEC C . -5.91 -14.92 -25.92
CBB HEC C . -4.67 -14.02 -25.90
NC HEC C . -8.71 -14.74 -21.36
C1C HEC C . -7.88 -15.63 -21.99
C2C HEC C . -7.73 -16.78 -21.11
C3C HEC C . -8.44 -16.49 -19.97
C4C HEC C . -9.03 -15.19 -20.11
CMC HEC C . -6.83 -17.98 -21.41
CAC HEC C . -8.65 -17.27 -18.61
CBC HEC C . -7.47 -18.15 -18.17
ND HEC C . -10.51 -12.53 -20.25
C1D HEC C . -10.41 -13.32 -19.13
C2D HEC C . -11.08 -12.64 -18.03
C3D HEC C . -11.59 -11.32 -18.56
C4D HEC C . -11.20 -11.32 -19.96
CMD HEC C . -11.27 -13.07 -16.58
CAD HEC C . -12.37 -10.25 -17.77
CBD HEC C . -11.46 -9.72 -16.66
CGD HEC C . -10.63 -8.54 -17.15
O1D HEC C . -10.56 -8.33 -18.38
O2D HEC C . -10.08 -7.78 -16.28
FE HEC D . -25.40 -21.61 -11.53
CHA HEC D . -26.14 -22.15 -8.25
CHB HEC D . -28.23 -23.16 -12.45
CHC HEC D . -24.77 -20.71 -14.84
CHD HEC D . -22.31 -20.63 -10.74
NA HEC D . -26.95 -22.51 -10.50
C1A HEC D . -27.02 -22.73 -9.15
C2A HEC D . -28.11 -23.67 -8.89
C3A HEC D . -28.67 -23.96 -10.09
C4A HEC D . -27.95 -23.19 -11.10
CMA HEC D . -29.88 -24.87 -10.46
CAA HEC D . -28.49 -24.20 -7.48
CBA HEC D . -29.78 -23.42 -6.98
CGA HEC D . -29.40 -21.97 -6.65
O1A HEC D . -30.01 -21.00 -7.15
O2A HEC D . -28.52 -21.76 -5.78
NB HEC D . -26.27 -21.83 -13.23
C1B HEC D . -27.47 -22.52 -13.40
C2B HEC D . -27.93 -22.33 -14.76
C3B HEC D . -26.98 -21.69 -15.44
C4B HEC D . -25.94 -21.36 -14.50
CMB HEC D . -29.24 -22.97 -15.33
CAB HEC D . -27.00 -21.30 -16.97
CBB HEC D . -28.18 -20.42 -17.47
NC HEC D . -23.83 -20.82 -12.60
C1C HEC D . -23.76 -20.48 -13.94
C2C HEC D . -22.49 -19.89 -14.22
C3C HEC D . -21.80 -19.89 -13.06
C4C HEC D . -22.65 -20.48 -12.06
CMC HEC D . -22.07 -19.35 -15.62
CAC HEC D . -20.38 -19.34 -12.70
CBC HEC D . -19.70 -18.38 -13.69
ND HEC D . -24.44 -21.43 -9.85
C1D HEC D . -23.12 -20.96 -9.74
C2D HEC D . -22.70 -20.89 -8.35
C3D HEC D . -23.89 -21.33 -7.59
C4D HEC D . -24.92 -21.63 -8.58
CMD HEC D . -21.32 -20.50 -7.71
CAD HEC D . -23.96 -21.48 -6.05
CBD HEC D . -23.65 -22.90 -5.61
CGD HEC D . -23.76 -22.87 -4.06
O1D HEC D . -24.67 -22.21 -3.50
O2D HEC D . -22.89 -23.45 -3.38
FE HEC E . -16.32 -13.57 -14.88
CHA HEC E . -16.46 -10.59 -16.48
CHB HEC E . -17.16 -12.04 -11.88
CHC HEC E . -16.65 -16.63 -13.39
CHD HEC E . -14.86 -15.07 -17.59
NA HEC E . -16.75 -11.68 -14.31
C1A HEC E . -16.82 -10.60 -15.13
C2A HEC E . -17.17 -9.45 -14.37
C3A HEC E . -17.39 -9.86 -13.11
C4A HEC E . -17.09 -11.26 -13.04
CMA HEC E . -17.77 -9.02 -11.90
CAA HEC E . -17.37 -8.00 -14.91
CBA HEC E . -18.94 -7.92 -15.16
CGA HEC E . -19.23 -6.48 -15.63
O1A HEC E . -18.25 -5.72 -15.71
O2A HEC E . -20.40 -6.03 -15.90
NB HEC E . -16.85 -14.18 -13.07
C1B HEC E . -17.08 -13.42 -11.92
C2B HEC E . -17.36 -14.27 -10.84
C3B HEC E . -17.30 -15.54 -11.29
C4B HEC E . -16.93 -15.51 -12.66
CMB HEC E . -17.71 -13.74 -9.42
CAB HEC E . -17.48 -16.90 -10.55
CBB HEC E . -18.93 -17.10 -10.07
NC HEC E . -15.83 -15.48 -15.39
C1C HEC E . -16.13 -16.63 -14.67
C2C HEC E . -15.92 -17.82 -15.49
C3C HEC E . -15.34 -17.38 -16.61
C4C HEC E . -15.30 -15.91 -16.57
CMC HEC E . -16.07 -19.33 -14.99
CAC HEC E . -14.84 -18.15 -17.89
CBC HEC E . -15.62 -19.43 -18.27
ND HEC E . -15.75 -12.94 -16.69
C1D HEC E . -15.14 -13.71 -17.65
C2D HEC E . -14.86 -12.93 -18.79
C3D HEC E . -15.32 -11.55 -18.50
C4D HEC E . -15.89 -11.64 -17.17
CMD HEC E . -14.20 -13.46 -20.11
CAD HEC E . -15.24 -10.39 -19.51
CBD HEC E . -16.50 -10.53 -20.41
CGD HEC E . -16.51 -9.39 -21.43
O1D HEC E . -15.98 -8.25 -21.19
O2D HEC E . -17.05 -9.57 -22.55
FE HEC F . -15.17 -8.80 -6.84
CHA HEC F . -15.05 -5.92 -8.71
CHB HEC F . -14.50 -10.69 -9.58
CHC HEC F . -14.60 -11.46 -4.84
CHD HEC F . -16.74 -7.14 -4.28
NA HEC F . -14.82 -8.37 -8.72
C1A HEC F . -14.74 -7.12 -9.33
C2A HEC F . -14.35 -7.24 -10.70
C3A HEC F . -14.20 -8.52 -10.96
C4A HEC F . -14.51 -9.27 -9.73
CMA HEC F . -13.80 -9.13 -12.35
CAA HEC F . -14.17 -6.06 -11.74
CBA HEC F . -15.59 -5.63 -12.18
CGA HEC F . -15.47 -4.52 -13.23
O1A HEC F . -16.43 -4.15 -13.97
O2A HEC F . -14.36 -3.95 -13.41
NB HEC F . -14.67 -10.71 -7.16
C1B HEC F . -14.38 -11.28 -8.38
C2B HEC F . -13.79 -12.56 -8.16
C3B HEC F . -13.84 -12.80 -6.85
C4B HEC F . -14.35 -11.62 -6.20
CMB HEC F . -13.49 -13.47 -9.37
CAB HEC F . -13.35 -14.02 -6.06
CBB HEC F . -11.94 -14.43 -6.44
NC HEC F . -15.63 -9.23 -4.96
C1C HEC F . -15.26 -10.39 -4.26
C2C HEC F . -15.55 -10.24 -2.88
C3C HEC F . -16.16 -9.07 -2.76
C4C HEC F . -16.22 -8.42 -4.03
CMC HEC F . -15.30 -11.38 -1.84
CAC HEC F . -16.76 -8.28 -1.55
CBC HEC F . -16.38 -8.83 -0.18
ND HEC F . -15.75 -6.86 -6.53
C1D HEC F . -16.45 -6.44 -5.43
C2D HEC F . -16.86 -5.09 -5.65
C3D HEC F . -16.41 -4.70 -6.99
C4D HEC F . -15.69 -5.87 -7.50
CMD HEC F . -17.70 -4.19 -4.72
CAD HEC F . -16.65 -3.36 -7.64
CBD HEC F . -15.51 -2.44 -7.32
CGD HEC F . -15.97 -0.98 -7.49
O1D HEC F . -17.18 -0.70 -7.59
O2D HEC F . -15.11 -0.03 -7.52
FE HEC G . -16.55 -6.65 4.18
CHA HEC G . -13.84 -6.17 6.08
CHB HEC G . -16.14 -3.55 2.79
CHC HEC G . -19.03 -7.36 2.03
CHD HEC G . -17.25 -9.64 5.88
NA HEC G . -15.30 -5.14 4.44
C1A HEC G . -14.20 -5.14 5.28
C2A HEC G . -13.46 -3.93 5.08
C3A HEC G . -14.11 -3.19 4.22
C4A HEC G . -15.26 -3.94 3.77
CMA HEC G . -13.67 -1.80 3.70
CAA HEC G . -12.15 -3.51 5.79
CBA HEC G . -11.00 -4.23 5.09
CGA HEC G . -10.48 -3.57 3.84
O1A HEC G . -10.29 -4.31 2.80
O2A HEC G . -10.22 -2.35 3.84
NB HEC G . -17.38 -5.69 2.75
C1B HEC G . -17.08 -4.42 2.29
C2B HEC G . -17.90 -4.09 1.17
C3B HEC G . -18.71 -5.12 0.96
C4B HEC G . -18.37 -6.17 1.90
CMB HEC G . -17.81 -2.68 0.45
CAB HEC G . -19.79 -5.25 -0.14
CBB HEC G . -19.29 -5.07 -1.59
NC HEC G . -17.90 -8.20 4.01
C1C HEC G . -18.83 -8.30 3.03
C2C HEC G . -19.56 -9.54 3.19
C3C HEC G . -19.04 -10.18 4.25
C4C HEC G . -18.02 -9.33 4.79
CMC HEC G . -20.69 -10.05 2.21
CAC HEC G . -19.36 -11.58 4.91
CBC HEC G . -20.14 -12.69 4.13
ND HEC G . -15.73 -7.70 5.68
C1D HEC G . -16.13 -8.92 6.22
C2D HEC G . -15.22 -9.36 7.21
C3D HEC G . -14.17 -8.32 7.25
C4D HEC G . -14.57 -7.32 6.31
CMD HEC G . -15.32 -10.70 8.03
CAD HEC G . -12.87 -8.22 8.14
CBD HEC G . -13.07 -7.28 9.33
CGD HEC G . -13.88 -8.02 10.38
O1D HEC G . -13.37 -8.93 11.08
O2D HEC G . -15.09 -7.74 10.52
CA CA H . 0.15 -13.70 -18.05
CA CA I . -17.23 -3.49 -16.07
C1 EDO J . -18.71 -8.79 10.13
O1 EDO J . -18.04 -9.40 11.24
C2 EDO J . -17.75 -7.88 9.38
O2 EDO J . -17.65 -6.59 10.00
C1 EDO K . -29.79 -1.62 -1.18
O1 EDO K . -29.74 -0.33 -1.79
C2 EDO K . -29.52 -2.39 -2.43
O2 EDO K . -28.85 -1.37 -3.22
FE HEC L . 9.73 13.00 22.17
CHA HEC L . 9.62 9.60 22.24
CHB HEC L . 13.07 12.87 23.03
CHC HEC L . 10.00 16.34 21.66
CHD HEC L . 6.42 13.14 21.50
NA HEC L . 11.11 11.49 22.61
C1A HEC L . 10.79 10.16 22.70
C2A HEC L . 11.96 9.42 23.19
C3A HEC L . 12.92 10.34 23.37
C4A HEC L . 12.41 11.65 23.00
CMA HEC L . 14.37 10.06 23.85
CAA HEC L . 12.02 7.89 23.37
CBA HEC L . 12.15 7.28 21.96
CGA HEC L . 13.50 7.65 21.33
O1A HEC L . 14.55 7.21 21.89
O2A HEC L . 13.56 8.46 20.33
NB HEC L . 11.18 14.31 22.40
C1B HEC L . 12.57 14.05 22.57
C2B HEC L . 13.35 15.25 22.25
C3B HEC L . 12.43 16.17 21.94
C4B HEC L . 11.09 15.61 21.98
CMB HEC L . 14.91 15.37 22.41
CAB HEC L . 12.49 17.63 21.46
CBB HEC L . 13.53 17.82 20.30
NC HEC L . 8.48 14.46 21.69
C1C HEC L . 8.75 15.80 21.58
C2C HEC L . 7.51 16.49 21.29
C3C HEC L . 6.51 15.61 21.37
C4C HEC L . 7.12 14.31 21.52
CMC HEC L . 7.34 18.03 21.31
CAC HEC L . 4.96 15.75 21.20
CBC HEC L . 4.31 17.00 20.53
ND HEC L . 8.26 11.66 21.83
C1D HEC L . 6.93 11.92 21.60
C2D HEC L . 6.17 10.68 21.49
C3D HEC L . 7.20 9.59 21.66
C4D HEC L . 8.46 10.28 21.87
CMD HEC L . 4.67 10.47 21.21
CAD HEC L . 6.95 8.07 21.61
CBD HEC L . 6.41 7.70 20.21
CGD HEC L . 7.53 7.35 19.25
O1D HEC L . 8.68 7.80 19.55
O2D HEC L . 7.30 6.62 18.20
FE HEC M . -7.10 8.62 33.65
CHA HEC M . -10.29 7.48 33.01
CHB HEC M . -7.78 8.81 36.84
CHC HEC M . -3.70 9.34 34.28
CHD HEC M . -6.53 9.07 30.43
NA HEC M . -8.76 8.17 34.72
C1A HEC M . -10.02 7.88 34.29
C2A HEC M . -10.96 8.01 35.43
C3A HEC M . -10.23 8.37 36.48
C4A HEC M . -8.85 8.47 36.06
CMA HEC M . -10.76 8.66 37.91
CAA HEC M . -12.47 7.75 35.39
CBA HEC M . -12.89 6.34 35.81
CGA HEC M . -12.33 5.29 34.88
O1A HEC M . -11.38 4.54 35.31
O2A HEC M . -12.79 5.27 33.71
NB HEC M . -5.93 9.03 35.18
C1B HEC M . -6.44 8.96 36.48
C2B HEC M . -5.33 8.97 37.42
C3B HEC M . -4.21 9.14 36.73
C4B HEC M . -4.57 9.16 35.31
CMB HEC M . -5.48 8.90 38.97
CAB HEC M . -2.74 9.24 37.26
CBB HEC M . -2.35 8.10 38.21
NC HEC M . -5.37 9.11 32.58
C1C HEC M . -4.08 9.35 32.99
C2C HEC M . -3.28 9.70 31.87
C3C HEC M . -4.06 9.52 30.78
C4C HEC M . -5.40 9.21 31.23
CMC HEC M . -1.74 9.86 31.95
CAC HEC M . -3.74 9.72 29.26
CBC HEC M . -2.28 9.68 28.77
ND HEC M . -8.24 8.27 32.03
C1D HEC M . -7.77 8.57 30.75
C2D HEC M . -8.79 8.29 29.78
C3D HEC M . -9.97 7.76 30.55
C4D HEC M . -9.53 7.80 31.93
CMD HEC M . -8.73 8.45 28.23
CAD HEC M . -11.29 7.28 29.92
CBD HEC M . -12.33 8.38 29.72
CGD HEC M . -13.55 7.70 29.19
O1D HEC M . -13.84 6.52 29.52
O2D HEC M . -14.22 8.39 28.40
FE HEC N . 1.74 7.85 24.68
CHA HEC N . 4.54 5.92 24.43
CHB HEC N . -0.16 5.23 23.61
CHC HEC N . -1.01 9.59 25.33
CHD HEC N . 3.68 10.57 25.20
NA HEC N . 2.06 6.08 24.16
C1A HEC N . 3.33 5.39 24.18
C2A HEC N . 3.16 3.99 23.87
C3A HEC N . 1.85 3.81 23.58
C4A HEC N . 1.17 5.07 23.78
CMA HEC N . 1.20 2.44 23.18
CAA HEC N . 4.25 2.88 23.74
CBA HEC N . 4.21 1.98 25.00
CGA HEC N . 5.21 0.83 24.86
O1A HEC N . 5.85 0.72 23.81
O2A HEC N . 5.38 -0.04 25.75
NB HEC N . -0.18 7.48 24.51
C1B HEC N . -0.80 6.35 24.05
C2B HEC N . -2.21 6.46 24.09
C3B HEC N . -2.42 7.68 24.58
C4B HEC N . -1.15 8.32 24.86
CMB HEC N . -3.24 5.39 23.61
CAB HEC N . -3.75 8.38 24.90
CBB HEC N . -4.57 7.64 25.97
NC HEC N . 1.43 9.62 25.11
C1C HEC N . 0.20 10.20 25.43
C2C HEC N . 0.34 11.52 25.98
C3C HEC N . 1.63 11.79 25.93
C4C HEC N . 2.32 10.64 25.37
CMC HEC N . -0.85 12.46 26.41
CAC HEC N . 2.39 13.10 26.32
CBC HEC N . 1.96 13.93 27.55
ND HEC N . 3.76 8.20 24.75
C1D HEC N . 4.34 9.42 25.01
C2D HEC N . 5.78 9.30 25.01
C3D HEC N . 6.07 7.87 24.74
C4D HEC N . 4.77 7.26 24.63
CMD HEC N . 6.79 10.43 25.22
CAD HEC N . 7.51 7.29 24.71
CBD HEC N . 7.92 6.92 26.16
CGD HEC N . 9.34 6.38 26.25
O1D HEC N . 9.73 5.57 25.37
O2D HEC N . 10.11 6.70 27.20
FE HEC O . -2.28 1.91 18.53
CHA HEC O . 0.74 0.23 18.25
CHB HEC O . -0.68 4.62 19.78
CHC HEC O . -5.18 3.76 18.15
CHD HEC O . -3.94 -0.92 18.11
NA HEC O . -0.39 2.32 18.88
C1A HEC O . 0.73 1.56 18.66
C2A HEC O . 1.93 2.32 18.97
C3A HEC O . 1.51 3.49 19.42
C4A HEC O . 0.07 3.53 19.38
CMA HEC O . 2.40 4.65 19.92
CAA HEC O . 3.45 1.82 18.88
CBA HEC O . 3.73 0.96 20.13
CGA HEC O . 5.16 0.42 20.13
O1A HEC O . 5.70 0.04 21.21
O2A HEC O . 5.82 0.32 19.05
NB HEC O . -2.83 3.78 18.88
C1B HEC O . -2.02 4.76 19.40
C2B HEC O . -2.72 6.00 19.32
C3B HEC O . -3.94 5.76 18.89
C4B HEC O . -4.03 4.38 18.55
CMB HEC O . -2.12 7.32 19.86
CAB HEC O . -5.10 6.74 18.65
CBB HEC O . -4.63 8.00 17.87
NC HEC O . -4.14 1.55 18.30
C1C HEC O . -5.21 2.39 18.05
C2C HEC O . -6.41 1.59 17.86
C3C HEC O . -6.03 0.34 17.71
C4C HEC O . -4.64 0.27 18.06
CMC HEC O . -7.75 2.14 17.39
CAC HEC O . -6.87 -0.94 17.40
CBC HEC O . -8.12 -0.89 16.54
ND HEC O . -1.67 -0.02 18.19
C1D HEC O . -2.58 -1.04 18.14
C2D HEC O . -1.87 -2.30 18.07
C3D HEC O . -0.41 -1.96 18.12
C4D HEC O . -0.38 -0.54 18.19
CMD HEC O . -2.50 -3.71 17.99
CAD HEC O . 0.77 -2.98 18.14
CBD HEC O . 1.13 -3.44 16.73
CGD HEC O . 1.86 -4.82 16.71
O1D HEC O . 1.57 -5.60 17.67
O2D HEC O . 2.69 -5.15 15.77
FE HEC P . -10.86 -4.11 14.22
CHA HEC P . -11.64 -3.88 10.86
CHB HEC P . -8.11 -5.94 13.51
CHC HEC P . -9.89 -4.03 17.54
CHD HEC P . -13.82 -2.59 15.01
NA HEC P . -10.06 -4.80 12.49
C1A HEC P . -10.52 -4.59 11.20
C2A HEC P . -9.62 -5.24 10.28
C3A HEC P . -8.62 -5.79 11.00
C4A HEC P . -8.90 -5.53 12.42
CMA HEC P . -7.42 -6.55 10.45
CAA HEC P . -9.72 -5.22 8.74
CBA HEC P . -9.24 -3.81 8.29
CGA HEC P . -7.72 -3.56 8.43
O1A HEC P . -7.31 -2.57 9.15
O2A HEC P . -6.88 -4.32 7.79
NB HEC P . -9.32 -4.78 15.29
C1B HEC P . -8.29 -5.54 14.81
C2B HEC P . -7.34 -5.77 15.90
C3B HEC P . -7.85 -5.27 17.04
C4B HEC P . -9.08 -4.65 16.67
CMB HEC P . -6.05 -6.60 15.73
CAB HEC P . -7.23 -5.25 18.48
CBB HEC P . -5.72 -4.86 18.48
NC HEC P . -11.63 -3.48 15.92
C1C HEC P . -11.12 -3.50 17.17
C2C HEC P . -12.08 -2.84 18.07
C3C HEC P . -13.19 -2.51 17.38
C4C HEC P . -12.92 -2.88 16.02
CMC HEC P . -11.82 -2.80 19.59
CAC HEC P . -14.55 -1.79 17.75
CBC HEC P . -14.65 -1.16 19.16
ND HEC P . -12.45 -3.38 13.15
C1D HEC P . -13.58 -2.73 13.68
C2D HEC P . -14.44 -2.21 12.63
C3D HEC P . -13.77 -2.62 11.36
C4D HEC P . -12.54 -3.31 11.75
CMD HEC P . -15.78 -1.41 12.79
CAD HEC P . -14.21 -2.32 9.92
CBD HEC P . -14.73 -3.60 9.23
CGD HEC P . -16.15 -3.69 9.63
O1D HEC P . -16.92 -2.81 9.19
O2D HEC P . -16.49 -4.57 10.45
CA CA Q . 8.28 17.21 12.46
CA CA R . 7.45 -0.36 22.54
C1 EDO S . 22.09 1.01 0.80
O1 EDO S . 21.68 0.86 2.18
C2 EDO S . 22.85 -0.26 0.47
O2 EDO S . 22.53 -0.66 -0.86
#